data_3MW6
#
_entry.id   3MW6
#
_cell.length_a   126.479
_cell.length_b   76.527
_cell.length_c   122.715
_cell.angle_alpha   90.00
_cell.angle_beta   116.84
_cell.angle_gamma   90.00
#
_symmetry.space_group_name_H-M   'C 1 2 1'
#
loop_
_entity.id
_entity.type
_entity.pdbx_description
1 polymer 'uncharacterized protein NMB1681'
2 non-polymer GLYCEROL
3 water water
#
_entity_poly.entity_id   1
_entity_poly.type   'polypeptide(L)'
_entity_poly.pdbx_seq_one_letter_code
;SNA(MSE)TQETALGAALKSAVQT(MSE)SKKKQTE(MSE)IADHIYGKYDVFKRFKPLALGIDQDLIAALPQYDAALIA
RVLANHCRRPRYLKALARGGKRFDLNNRFKGEVTPEEQAIAQNHPFVQQALQQQSAQAAAETLSVEAEAAESSAAE
;
_entity_poly.pdbx_strand_id   A,B,C,D,E,F
#
loop_
_chem_comp.id
_chem_comp.type
_chem_comp.name
_chem_comp.formula
GOL non-polymer GLYCEROL 'C3 H8 O3'
#
# COMPACT_ATOMS: atom_id res chain seq x y z
N GLN A 6 -49.80 1.96 -7.55
CA GLN A 6 -49.02 1.42 -6.44
C GLN A 6 -47.54 1.73 -6.56
N GLU A 7 -46.73 0.69 -6.79
CA GLU A 7 -45.27 0.82 -6.72
C GLU A 7 -44.61 1.30 -8.02
N THR A 8 -43.70 2.27 -7.86
CA THR A 8 -42.96 2.89 -8.95
C THR A 8 -41.62 2.20 -9.08
N ALA A 9 -40.98 2.31 -10.23
CA ALA A 9 -39.58 1.86 -10.38
C ALA A 9 -38.63 2.61 -9.42
N LEU A 10 -38.81 3.92 -9.31
CA LEU A 10 -38.00 4.70 -8.38
C LEU A 10 -38.28 4.23 -6.96
N GLY A 11 -39.55 3.99 -6.66
CA GLY A 11 -39.96 3.55 -5.34
C GLY A 11 -39.27 2.24 -4.97
N ALA A 12 -39.29 1.28 -5.91
CA ALA A 12 -38.74 -0.04 -5.66
C ALA A 12 -37.23 0.00 -5.44
N ALA A 13 -36.55 0.85 -6.21
CA ALA A 13 -35.11 1.00 -6.07
C ALA A 13 -34.73 1.72 -4.76
N LEU A 14 -35.58 2.65 -4.32
CA LEU A 14 -35.35 3.33 -3.05
C LEU A 14 -35.41 2.29 -1.94
N LYS A 15 -36.51 1.52 -1.90
CA LYS A 15 -36.65 0.45 -0.92
C LYS A 15 -35.46 -0.50 -0.90
N SER A 16 -35.01 -0.93 -2.06
CA SER A 16 -33.82 -1.77 -2.14
C SER A 16 -32.57 -1.12 -1.55
N ALA A 17 -32.32 0.13 -1.94
CA ALA A 17 -31.15 0.86 -1.42
C ALA A 17 -31.21 0.92 0.09
N VAL A 18 -32.35 1.32 0.63
CA VAL A 18 -32.54 1.37 2.08
C VAL A 18 -32.21 0.02 2.72
N GLN A 19 -32.72 -1.05 2.13
CA GLN A 19 -32.48 -2.39 2.65
C GLN A 19 -31.00 -2.77 2.66
N THR A 20 -30.23 -2.27 1.69
CA THR A 20 -28.82 -2.66 1.57
C THR A 20 -27.96 -2.09 2.69
N MSE A 21 -28.52 -1.18 3.49
CA MSE A 21 -27.81 -0.59 4.61
C MSE A 21 -27.52 -1.63 5.70
O MSE A 21 -26.65 -1.44 6.54
CB MSE A 21 -28.60 0.57 5.22
CG MSE A 21 -28.81 1.75 4.30
SE MSE A 21 -27.16 2.65 3.79
CE MSE A 21 -26.61 1.62 2.23
N SER A 22 -28.30 -2.70 5.69
CA SER A 22 -28.04 -3.79 6.62
C SER A 22 -27.09 -4.80 5.96
N LYS A 23 -25.98 -5.07 6.62
CA LYS A 23 -24.99 -6.00 6.08
CA LYS A 23 -24.97 -6.01 6.15
C LYS A 23 -25.54 -7.41 5.95
N LYS A 24 -26.26 -7.89 6.96
CA LYS A 24 -26.91 -9.19 6.89
C LYS A 24 -27.93 -9.22 5.76
N LYS A 25 -28.68 -8.14 5.62
CA LYS A 25 -29.70 -8.08 4.58
C LYS A 25 -29.06 -7.93 3.19
N GLN A 26 -28.04 -7.07 3.06
CA GLN A 26 -27.33 -6.96 1.78
C GLN A 26 -26.72 -8.30 1.35
N THR A 27 -26.23 -9.08 2.31
CA THR A 27 -25.63 -10.39 2.02
C THR A 27 -26.64 -11.43 1.50
N GLU A 28 -27.83 -11.49 2.07
CA GLU A 28 -28.87 -12.34 1.53
C GLU A 28 -29.25 -11.88 0.13
N MSE A 29 -29.37 -10.57 -0.07
CA MSE A 29 -29.80 -10.04 -1.37
C MSE A 29 -28.79 -10.40 -2.46
O MSE A 29 -29.18 -10.70 -3.60
CB MSE A 29 -30.02 -8.52 -1.33
CG MSE A 29 -31.20 -8.03 -0.50
SE MSE A 29 -31.04 -6.12 -0.03
CE MSE A 29 -31.51 -5.36 -1.78
N ILE A 30 -27.50 -10.37 -2.10
CA ILE A 30 -26.44 -10.60 -3.07
C ILE A 30 -26.46 -12.05 -3.53
N ALA A 31 -26.61 -12.95 -2.57
CA ALA A 31 -26.64 -14.38 -2.82
C ALA A 31 -27.84 -14.72 -3.69
N ASP A 32 -29.03 -14.23 -3.32
CA ASP A 32 -30.24 -14.46 -4.12
C ASP A 32 -30.05 -13.92 -5.54
N HIS A 33 -29.52 -12.71 -5.66
CA HIS A 33 -29.25 -12.18 -6.98
C HIS A 33 -28.38 -13.15 -7.78
N ILE A 34 -27.24 -13.54 -7.20
CA ILE A 34 -26.24 -14.33 -7.90
C ILE A 34 -26.72 -15.74 -8.26
N TYR A 35 -27.34 -16.44 -7.32
CA TYR A 35 -27.83 -17.78 -7.60
C TYR A 35 -29.03 -17.76 -8.54
N GLY A 36 -29.74 -16.62 -8.56
CA GLY A 36 -30.92 -16.47 -9.39
C GLY A 36 -30.54 -16.13 -10.81
N LYS A 37 -29.55 -15.26 -10.99
CA LYS A 37 -29.18 -14.78 -12.30
C LYS A 37 -28.13 -15.63 -13.04
N TYR A 38 -27.17 -16.19 -12.31
CA TYR A 38 -26.01 -16.81 -12.95
C TYR A 38 -26.05 -18.32 -12.85
N ASP A 39 -26.16 -18.99 -13.98
CA ASP A 39 -26.15 -20.44 -14.01
C ASP A 39 -24.85 -21.07 -13.48
N VAL A 40 -23.69 -20.45 -13.68
CA VAL A 40 -22.46 -21.04 -13.16
C VAL A 40 -22.53 -21.15 -11.64
N PHE A 41 -23.21 -20.22 -10.98
CA PHE A 41 -23.42 -20.34 -9.54
C PHE A 41 -24.52 -21.31 -9.18
N LYS A 42 -25.65 -21.23 -9.87
CA LYS A 42 -26.80 -22.07 -9.54
C LYS A 42 -26.44 -23.55 -9.70
N ARG A 43 -25.58 -23.84 -10.67
CA ARG A 43 -25.21 -25.23 -10.96
CA ARG A 43 -25.20 -25.21 -10.97
C ARG A 43 -23.82 -25.62 -10.41
N PHE A 44 -23.21 -24.75 -9.63
CA PHE A 44 -21.92 -25.06 -9.00
C PHE A 44 -20.91 -25.59 -9.99
N LYS A 45 -20.61 -24.80 -11.02
CA LYS A 45 -19.55 -25.18 -11.93
C LYS A 45 -18.26 -24.55 -11.41
N PRO A 46 -17.12 -25.20 -11.68
CA PRO A 46 -15.85 -24.58 -11.33
C PRO A 46 -15.76 -23.17 -11.93
N LEU A 47 -15.46 -22.17 -11.11
CA LEU A 47 -15.44 -20.78 -11.53
C LEU A 47 -14.09 -20.32 -12.06
N ALA A 48 -14.13 -19.52 -13.12
CA ALA A 48 -12.91 -18.98 -13.72
C ALA A 48 -12.14 -18.13 -12.73
N LEU A 49 -10.81 -18.10 -12.86
CA LEU A 49 -9.97 -17.06 -12.24
C LEU A 49 -10.56 -15.67 -12.44
N GLY A 50 -10.58 -14.89 -11.36
CA GLY A 50 -11.01 -13.50 -11.45
C GLY A 50 -12.52 -13.28 -11.44
N ILE A 51 -13.27 -14.31 -11.09
CA ILE A 51 -14.73 -14.19 -11.05
C ILE A 51 -15.13 -13.11 -10.04
N ASP A 52 -14.38 -13.01 -8.95
CA ASP A 52 -14.62 -11.97 -7.95
C ASP A 52 -14.70 -10.58 -8.59
N GLN A 53 -13.69 -10.23 -9.37
CA GLN A 53 -13.69 -8.93 -10.05
C GLN A 53 -14.84 -8.80 -11.07
N ASP A 54 -15.19 -9.87 -11.75
CA ASP A 54 -16.31 -9.82 -12.69
C ASP A 54 -17.64 -9.54 -11.98
N LEU A 55 -17.84 -10.18 -10.83
CA LEU A 55 -19.04 -9.97 -10.03
C LEU A 55 -19.09 -8.52 -9.53
N ILE A 56 -17.96 -8.02 -9.06
CA ILE A 56 -17.89 -6.66 -8.53
C ILE A 56 -18.25 -5.65 -9.59
N ALA A 57 -17.65 -5.83 -10.77
CA ALA A 57 -17.93 -4.96 -11.90
C ALA A 57 -19.40 -5.07 -12.34
N ALA A 58 -19.98 -6.26 -12.31
CA ALA A 58 -21.36 -6.45 -12.78
C ALA A 58 -22.42 -6.03 -11.75
N LEU A 59 -22.02 -5.93 -10.49
CA LEU A 59 -22.96 -5.60 -9.41
C LEU A 59 -22.53 -4.33 -8.68
N PRO A 60 -22.66 -3.16 -9.32
CA PRO A 60 -22.23 -1.94 -8.62
C PRO A 60 -23.21 -1.54 -7.53
N GLN A 61 -24.41 -2.10 -7.54
CA GLN A 61 -25.42 -1.77 -6.53
C GLN A 61 -25.16 -2.42 -5.16
N TYR A 62 -24.02 -3.10 -5.04
CA TYR A 62 -23.69 -3.88 -3.86
C TYR A 62 -22.22 -3.64 -3.48
N ASP A 63 -21.93 -3.75 -2.19
CA ASP A 63 -20.58 -3.52 -1.66
C ASP A 63 -19.64 -4.63 -2.06
N ALA A 64 -18.51 -4.27 -2.66
CA ALA A 64 -17.50 -5.25 -3.07
C ALA A 64 -17.12 -6.20 -1.96
N ALA A 65 -17.11 -5.72 -0.72
CA ALA A 65 -16.68 -6.58 0.38
C ALA A 65 -17.70 -7.67 0.67
N LEU A 66 -18.98 -7.35 0.58
CA LEU A 66 -19.99 -8.35 0.89
C LEU A 66 -20.12 -9.32 -0.28
N ILE A 67 -19.78 -8.84 -1.47
CA ILE A 67 -19.71 -9.73 -2.64
C ILE A 67 -18.62 -10.79 -2.43
N ALA A 68 -17.44 -10.36 -1.99
CA ALA A 68 -16.34 -11.27 -1.75
C ALA A 68 -16.74 -12.31 -0.70
N ARG A 69 -17.49 -11.86 0.31
CA ARG A 69 -17.95 -12.73 1.39
CA ARG A 69 -17.92 -12.75 1.38
C ARG A 69 -18.89 -13.81 0.86
N VAL A 70 -19.85 -13.42 0.04
CA VAL A 70 -20.80 -14.37 -0.57
C VAL A 70 -20.06 -15.36 -1.46
N LEU A 71 -19.17 -14.83 -2.29
CA LEU A 71 -18.33 -15.68 -3.09
C LEU A 71 -17.53 -16.68 -2.25
N ALA A 72 -16.96 -16.23 -1.13
CA ALA A 72 -16.13 -17.12 -0.30
C ALA A 72 -16.99 -18.19 0.39
N ASN A 73 -18.18 -17.80 0.83
CA ASN A 73 -19.18 -18.76 1.31
C ASN A 73 -19.48 -19.82 0.27
N HIS A 74 -19.61 -19.39 -0.98
CA HIS A 74 -19.99 -20.31 -2.04
C HIS A 74 -18.88 -21.33 -2.28
N CYS A 75 -17.63 -20.86 -2.34
CA CYS A 75 -16.51 -21.76 -2.60
C CYS A 75 -16.14 -22.69 -1.44
N ARG A 76 -16.75 -22.48 -0.28
CA ARG A 76 -16.49 -23.32 0.90
C ARG A 76 -17.47 -24.48 0.97
N ARG A 77 -18.58 -24.35 0.25
CA ARG A 77 -19.59 -25.39 0.28
C ARG A 77 -19.06 -26.70 -0.30
N PRO A 78 -19.40 -27.81 0.36
CA PRO A 78 -19.07 -29.16 -0.11
C PRO A 78 -19.41 -29.35 -1.58
N ARG A 79 -20.57 -28.86 -1.99
CA ARG A 79 -20.99 -29.00 -3.38
C ARG A 79 -20.00 -28.36 -4.38
N TYR A 80 -19.41 -27.24 -3.99
CA TYR A 80 -18.37 -26.62 -4.81
C TYR A 80 -17.08 -27.44 -4.82
N LEU A 81 -16.61 -27.84 -3.64
CA LEU A 81 -15.43 -28.69 -3.57
C LEU A 81 -15.63 -29.96 -4.40
N LYS A 82 -16.83 -30.51 -4.33
CA LYS A 82 -17.16 -31.72 -5.06
C LYS A 82 -17.06 -31.44 -6.58
N ALA A 83 -17.41 -30.23 -6.98
CA ALA A 83 -17.31 -29.81 -8.38
C ALA A 83 -15.85 -29.72 -8.76
N LEU A 84 -15.02 -29.23 -7.85
CA LEU A 84 -13.59 -29.14 -8.14
C LEU A 84 -13.00 -30.54 -8.24
N ALA A 85 -13.51 -31.45 -7.42
CA ALA A 85 -13.04 -32.85 -7.49
C ALA A 85 -13.44 -33.48 -8.82
N ARG A 86 -14.57 -33.04 -9.36
CA ARG A 86 -15.04 -33.56 -10.64
C ARG A 86 -14.07 -33.09 -11.72
N GLY A 87 -13.60 -31.85 -11.61
CA GLY A 87 -12.57 -31.34 -12.49
C GLY A 87 -13.10 -30.79 -13.81
N GLY A 88 -12.24 -30.80 -14.83
CA GLY A 88 -12.60 -30.27 -16.15
C GLY A 88 -12.51 -28.75 -16.19
N LYS A 89 -13.28 -28.13 -17.09
CA LYS A 89 -13.15 -26.70 -17.38
C LYS A 89 -13.71 -25.79 -16.29
N ARG A 90 -13.17 -24.58 -16.23
CA ARG A 90 -13.79 -23.52 -15.44
C ARG A 90 -14.64 -22.62 -16.34
N PHE A 91 -15.61 -21.94 -15.72
CA PHE A 91 -16.61 -21.18 -16.46
C PHE A 91 -16.67 -19.73 -16.00
N ASP A 92 -16.84 -18.78 -16.93
CA ASP A 92 -16.97 -17.37 -16.56
C ASP A 92 -18.43 -17.02 -16.31
N LEU A 93 -18.71 -15.75 -16.01
CA LEU A 93 -20.10 -15.33 -15.71
C LEU A 93 -21.07 -15.63 -16.83
N ASN A 94 -20.56 -15.81 -18.05
CA ASN A 94 -21.41 -16.06 -19.21
C ASN A 94 -21.52 -17.52 -19.57
N ASN A 95 -21.17 -18.38 -18.62
CA ASN A 95 -21.23 -19.81 -18.84
C ASN A 95 -20.39 -20.26 -20.03
N ARG A 96 -19.26 -19.59 -20.24
CA ARG A 96 -18.33 -20.03 -21.28
C ARG A 96 -17.04 -20.55 -20.67
N PHE A 97 -16.42 -21.51 -21.34
CA PHE A 97 -15.13 -22.02 -20.93
C PHE A 97 -14.17 -20.87 -20.66
N LYS A 98 -13.47 -20.95 -19.53
CA LYS A 98 -12.35 -20.04 -19.27
C LYS A 98 -11.40 -20.65 -18.25
N GLY A 99 -10.35 -21.30 -18.75
CA GLY A 99 -9.39 -21.99 -17.90
C GLY A 99 -9.87 -23.38 -17.53
N GLU A 100 -9.21 -23.99 -16.55
CA GLU A 100 -9.59 -25.33 -16.09
C GLU A 100 -9.22 -25.59 -14.62
N VAL A 101 -9.67 -26.72 -14.10
CA VAL A 101 -9.23 -27.17 -12.78
C VAL A 101 -7.94 -27.93 -13.00
N THR A 102 -6.87 -27.49 -12.33
CA THR A 102 -5.56 -28.15 -12.46
C THR A 102 -5.56 -29.49 -11.73
N PRO A 103 -4.63 -30.37 -12.10
CA PRO A 103 -4.52 -31.62 -11.33
C PRO A 103 -4.34 -31.39 -9.83
N GLU A 104 -3.55 -30.39 -9.45
CA GLU A 104 -3.33 -30.13 -8.03
C GLU A 104 -4.60 -29.67 -7.31
N GLU A 105 -5.35 -28.75 -7.90
CA GLU A 105 -6.58 -28.30 -7.25
C GLU A 105 -7.51 -29.50 -7.14
N GLN A 106 -7.56 -30.32 -8.19
CA GLN A 106 -8.48 -31.46 -8.23
C GLN A 106 -8.16 -32.48 -7.13
N ALA A 107 -6.87 -32.80 -6.97
CA ALA A 107 -6.45 -33.77 -5.96
C ALA A 107 -6.75 -33.30 -4.54
N ILE A 108 -6.60 -32.02 -4.30
CA ILE A 108 -6.84 -31.47 -2.97
C ILE A 108 -8.32 -31.55 -2.64
N ALA A 109 -9.17 -31.26 -3.62
CA ALA A 109 -10.60 -31.30 -3.39
C ALA A 109 -11.03 -32.76 -3.19
N GLN A 110 -10.45 -33.66 -3.98
CA GLN A 110 -10.75 -35.08 -3.92
C GLN A 110 -10.48 -35.71 -2.56
N ASN A 111 -9.45 -35.21 -1.87
CA ASN A 111 -9.05 -35.78 -0.59
C ASN A 111 -9.65 -34.99 0.54
N HIS A 112 -10.41 -33.95 0.21
CA HIS A 112 -11.04 -33.14 1.23
C HIS A 112 -12.09 -33.96 1.94
N PRO A 113 -12.03 -33.98 3.28
CA PRO A 113 -13.02 -34.64 4.12
C PRO A 113 -14.46 -34.34 3.70
N PHE A 114 -14.77 -33.09 3.37
CA PHE A 114 -16.15 -32.75 3.02
C PHE A 114 -16.59 -33.41 1.73
N VAL A 115 -15.64 -33.67 0.84
CA VAL A 115 -15.90 -34.38 -0.40
C VAL A 115 -16.02 -35.88 -0.17
N GLN A 116 -15.15 -36.45 0.66
CA GLN A 116 -15.24 -37.87 1.03
C GLN A 116 -16.64 -38.19 1.55
N GLN A 117 -17.15 -37.32 2.43
CA GLN A 117 -18.53 -37.38 2.86
C GLN A 117 -19.50 -37.22 1.67
N ALA A 118 -19.45 -36.06 1.01
CA ALA A 118 -20.39 -35.73 -0.08
C ALA A 118 -20.48 -36.75 -1.22
N LEU A 119 -19.35 -37.33 -1.61
CA LEU A 119 -19.33 -38.36 -2.65
C LEU A 119 -20.01 -39.63 -2.18
N GLN A 120 -19.84 -39.95 -0.90
CA GLN A 120 -20.48 -41.11 -0.29
C GLN A 120 -22.00 -40.93 -0.17
N GLN A 121 -22.43 -39.72 0.14
CA GLN A 121 -23.85 -39.39 0.22
C GLN A 121 -24.48 -39.47 -1.17
N GLN A 122 -23.86 -38.79 -2.13
CA GLN A 122 -24.34 -38.75 -3.52
C GLN A 122 -24.61 -40.14 -4.14
N SER A 123 -23.76 -41.11 -3.82
CA SER A 123 -23.92 -42.47 -4.34
C SER A 123 -24.93 -43.31 -3.54
N ALA A 124 -25.17 -42.92 -2.30
CA ALA A 124 -26.14 -43.59 -1.45
C ALA A 124 -27.58 -43.11 -1.74
N GLN A 125 -27.68 -41.96 -2.41
CA GLN A 125 -28.96 -41.43 -2.85
C GLN A 125 -29.33 -42.04 -4.21
N ALA A 126 -28.32 -42.54 -4.91
CA ALA A 126 -28.52 -43.27 -6.15
C ALA A 126 -28.98 -44.70 -5.87
N ALA A 127 -28.45 -45.29 -4.80
CA ALA A 127 -28.83 -46.64 -4.41
C ALA A 127 -30.18 -46.66 -3.70
N LYS B 23 7.73 -51.58 -7.16
CA LYS B 23 7.22 -50.22 -7.30
C LYS B 23 7.51 -49.35 -6.08
N LYS B 24 7.00 -49.78 -4.93
CA LYS B 24 7.11 -48.99 -3.70
C LYS B 24 8.54 -48.81 -3.20
N LYS B 25 9.39 -49.80 -3.44
CA LYS B 25 10.80 -49.68 -3.10
C LYS B 25 11.42 -48.58 -3.95
N GLN B 26 11.05 -48.54 -5.22
CA GLN B 26 11.60 -47.59 -6.18
C GLN B 26 11.12 -46.16 -5.91
N THR B 27 9.80 -45.96 -5.88
CA THR B 27 9.26 -44.64 -5.61
C THR B 27 9.87 -44.04 -4.35
N GLU B 28 9.96 -44.85 -3.30
CA GLU B 28 10.59 -44.45 -2.04
C GLU B 28 12.00 -43.90 -2.29
N MSE B 29 12.69 -44.46 -3.26
CA MSE B 29 14.01 -43.98 -3.68
C MSE B 29 13.89 -42.77 -4.59
O MSE B 29 14.66 -41.81 -4.47
CB MSE B 29 14.80 -45.09 -4.38
CG MSE B 29 15.51 -44.64 -5.64
SE MSE B 29 16.29 -46.10 -6.67
CE MSE B 29 17.94 -46.36 -5.65
N ILE B 30 12.91 -42.80 -5.50
CA ILE B 30 12.66 -41.69 -6.41
C ILE B 30 12.46 -40.38 -5.66
N ALA B 31 11.47 -40.35 -4.77
CA ALA B 31 11.22 -39.18 -3.94
C ALA B 31 12.51 -38.76 -3.26
N ASP B 32 13.10 -39.70 -2.53
CA ASP B 32 14.35 -39.45 -1.80
C ASP B 32 15.31 -38.59 -2.61
N HIS B 33 15.34 -38.82 -3.92
CA HIS B 33 16.23 -38.11 -4.83
C HIS B 33 15.73 -36.69 -5.07
N ILE B 34 14.42 -36.55 -5.27
CA ILE B 34 13.81 -35.24 -5.53
C ILE B 34 13.99 -34.27 -4.38
N TYR B 35 13.46 -34.60 -3.22
CA TYR B 35 13.61 -33.75 -2.04
C TYR B 35 15.08 -33.47 -1.76
N GLY B 36 15.96 -34.24 -2.41
CA GLY B 36 17.39 -34.10 -2.21
C GLY B 36 18.04 -33.22 -3.24
N LYS B 37 17.52 -33.25 -4.46
CA LYS B 37 18.06 -32.47 -5.56
C LYS B 37 17.44 -31.08 -5.65
N TYR B 38 16.12 -31.02 -5.78
CA TYR B 38 15.39 -29.77 -6.01
C TYR B 38 14.97 -29.04 -4.73
N ASP B 39 15.29 -27.76 -4.65
CA ASP B 39 14.94 -26.96 -3.48
C ASP B 39 13.44 -26.80 -3.30
N VAL B 40 12.74 -26.56 -4.40
CA VAL B 40 11.29 -26.26 -4.34
C VAL B 40 10.51 -27.37 -3.61
N PHE B 41 10.96 -28.61 -3.74
CA PHE B 41 10.32 -29.71 -3.01
C PHE B 41 10.83 -29.82 -1.57
N LYS B 42 12.14 -29.67 -1.39
CA LYS B 42 12.75 -29.70 -0.08
C LYS B 42 12.05 -28.72 0.83
N ARG B 43 11.92 -27.48 0.35
CA ARG B 43 11.35 -26.40 1.17
C ARG B 43 9.85 -26.13 0.98
N PHE B 44 9.16 -27.01 0.27
CA PHE B 44 7.70 -26.94 0.14
C PHE B 44 7.17 -25.60 -0.34
N LYS B 45 7.66 -25.13 -1.48
CA LYS B 45 7.17 -23.90 -2.07
C LYS B 45 6.04 -24.26 -3.03
N PRO B 46 5.02 -23.38 -3.16
CA PRO B 46 3.98 -23.65 -4.15
C PRO B 46 4.62 -23.95 -5.50
N LEU B 47 4.22 -25.04 -6.14
CA LEU B 47 4.90 -25.51 -7.34
C LEU B 47 4.30 -24.97 -8.65
N ALA B 48 5.15 -24.65 -9.61
CA ALA B 48 4.69 -24.17 -10.91
C ALA B 48 3.70 -25.13 -11.57
N LEU B 49 2.71 -24.57 -12.26
CA LEU B 49 1.88 -25.37 -13.15
C LEU B 49 2.77 -26.25 -14.05
N GLY B 50 2.43 -27.53 -14.15
CA GLY B 50 3.10 -28.41 -15.10
C GLY B 50 4.46 -28.94 -14.64
N ILE B 51 4.63 -29.03 -13.34
CA ILE B 51 5.89 -29.51 -12.79
C ILE B 51 6.03 -31.02 -12.98
N ASP B 52 4.93 -31.66 -13.37
CA ASP B 52 4.94 -33.08 -13.71
C ASP B 52 5.76 -33.33 -14.99
N GLN B 53 5.43 -32.60 -16.05
CA GLN B 53 6.16 -32.72 -17.31
C GLN B 53 7.65 -32.43 -17.11
N ASP B 54 7.95 -31.46 -16.24
CA ASP B 54 9.33 -31.05 -16.01
C ASP B 54 10.09 -32.11 -15.22
N LEU B 55 9.39 -32.75 -14.29
CA LEU B 55 10.00 -33.77 -13.45
C LEU B 55 10.36 -35.01 -14.26
N ILE B 56 9.45 -35.39 -15.16
CA ILE B 56 9.62 -36.56 -16.02
C ILE B 56 10.70 -36.30 -17.06
N ALA B 57 10.65 -35.10 -17.65
CA ALA B 57 11.64 -34.70 -18.64
C ALA B 57 13.03 -34.68 -18.03
N ALA B 58 13.14 -34.14 -16.83
CA ALA B 58 14.43 -34.00 -16.15
C ALA B 58 14.89 -35.30 -15.53
N LEU B 59 13.98 -36.27 -15.46
CA LEU B 59 14.33 -37.57 -14.90
C LEU B 59 13.88 -38.72 -15.79
N PRO B 60 14.69 -39.05 -16.82
CA PRO B 60 14.43 -40.18 -17.70
C PRO B 60 14.75 -41.46 -16.98
N GLN B 61 15.53 -41.34 -15.90
CA GLN B 61 16.01 -42.48 -15.12
C GLN B 61 14.88 -43.17 -14.38
N TYR B 62 13.68 -42.58 -14.40
CA TYR B 62 12.56 -43.16 -13.67
C TYR B 62 11.30 -43.27 -14.51
N ASP B 63 10.25 -43.82 -13.90
CA ASP B 63 8.99 -44.06 -14.58
C ASP B 63 8.09 -42.83 -14.54
N ALA B 64 7.37 -42.58 -15.62
CA ALA B 64 6.58 -41.36 -15.76
C ALA B 64 5.22 -41.38 -15.06
N ALA B 65 5.00 -42.38 -14.20
CA ALA B 65 3.78 -42.45 -13.41
C ALA B 65 4.12 -42.70 -11.94
N LEU B 66 5.39 -42.97 -11.69
CA LEU B 66 5.87 -43.15 -10.33
C LEU B 66 6.70 -41.93 -9.96
N ILE B 67 7.02 -41.12 -10.97
CA ILE B 67 7.53 -39.78 -10.76
C ILE B 67 6.30 -38.95 -10.40
N ALA B 68 5.19 -39.23 -11.06
CA ALA B 68 3.95 -38.53 -10.82
C ALA B 68 3.35 -38.89 -9.47
N ARG B 69 3.52 -40.14 -9.07
CA ARG B 69 2.98 -40.62 -7.80
C ARG B 69 3.62 -39.88 -6.64
N VAL B 70 4.94 -39.75 -6.68
CA VAL B 70 5.69 -39.07 -5.63
C VAL B 70 5.21 -37.63 -5.46
N LEU B 71 4.79 -37.04 -6.57
CA LEU B 71 4.26 -35.67 -6.59
C LEU B 71 2.87 -35.62 -5.94
N ALA B 72 2.05 -36.63 -6.22
CA ALA B 72 0.72 -36.71 -5.64
C ALA B 72 0.81 -36.72 -4.12
N ASN B 73 1.73 -37.54 -3.62
CA ASN B 73 1.99 -37.64 -2.20
C ASN B 73 2.36 -36.28 -1.62
N HIS B 74 3.35 -35.65 -2.22
CA HIS B 74 3.82 -34.34 -1.77
C HIS B 74 2.72 -33.28 -1.66
N CYS B 75 1.88 -33.17 -2.67
CA CYS B 75 0.88 -32.12 -2.71
C CYS B 75 -0.26 -32.26 -1.71
N ARG B 76 -0.39 -33.44 -1.10
CA ARG B 76 -1.44 -33.66 -0.10
C ARG B 76 -0.94 -33.52 1.35
N ARG B 77 0.38 -33.50 1.53
CA ARG B 77 0.95 -33.30 2.87
C ARG B 77 0.50 -31.97 3.46
N PRO B 78 0.14 -31.95 4.75
CA PRO B 78 -0.23 -30.69 5.42
C PRO B 78 0.74 -29.54 5.17
N ARG B 79 2.03 -29.87 5.05
CA ARG B 79 3.01 -28.82 4.84
C ARG B 79 2.79 -28.12 3.50
N TYR B 80 2.37 -28.85 2.48
CA TYR B 80 2.14 -28.21 1.19
C TYR B 80 0.88 -27.38 1.24
N LEU B 81 -0.18 -27.93 1.81
CA LEU B 81 -1.40 -27.18 2.06
C LEU B 81 -1.11 -25.85 2.77
N LYS B 82 -0.21 -25.89 3.76
CA LYS B 82 0.15 -24.68 4.49
CA LYS B 82 0.14 -24.69 4.50
C LYS B 82 0.87 -23.71 3.58
N ALA B 83 1.74 -24.24 2.71
CA ALA B 83 2.43 -23.37 1.76
C ALA B 83 1.42 -22.73 0.82
N LEU B 84 0.40 -23.47 0.41
CA LEU B 84 -0.66 -22.91 -0.45
C LEU B 84 -1.43 -21.83 0.29
N ALA B 85 -1.72 -22.05 1.57
CA ALA B 85 -2.48 -21.08 2.36
C ALA B 85 -1.68 -19.80 2.54
N ARG B 86 -0.36 -19.94 2.54
CA ARG B 86 0.52 -18.78 2.69
C ARG B 86 0.44 -17.91 1.43
N GLY B 87 0.37 -18.57 0.26
CA GLY B 87 0.18 -17.86 -1.00
C GLY B 87 1.42 -17.31 -1.69
N GLY B 88 1.22 -16.35 -2.60
CA GLY B 88 2.32 -15.76 -3.35
C GLY B 88 2.71 -16.58 -4.56
N LYS B 89 3.93 -16.36 -5.06
CA LYS B 89 4.38 -16.92 -6.32
C LYS B 89 4.45 -18.44 -6.31
N ARG B 90 4.43 -19.06 -7.49
CA ARG B 90 4.77 -20.48 -7.62
C ARG B 90 6.19 -20.56 -8.17
N PHE B 91 6.79 -21.74 -8.11
CA PHE B 91 8.22 -21.89 -8.45
C PHE B 91 8.46 -23.09 -9.35
N ASP B 92 9.34 -22.95 -10.34
CA ASP B 92 9.71 -24.05 -11.21
C ASP B 92 10.89 -24.79 -10.60
N LEU B 93 11.31 -25.87 -11.24
CA LEU B 93 12.37 -26.71 -10.68
C LEU B 93 13.67 -25.94 -10.40
N ASN B 94 13.89 -24.85 -11.13
CA ASN B 94 15.07 -24.02 -10.93
C ASN B 94 14.84 -22.89 -9.93
N ASN B 95 13.78 -23.02 -9.13
CA ASN B 95 13.45 -22.07 -8.08
C ASN B 95 13.27 -20.65 -8.60
N ARG B 96 12.64 -20.51 -9.77
CA ARG B 96 12.28 -19.20 -10.28
C ARG B 96 10.77 -19.03 -10.30
N PHE B 97 10.31 -17.81 -10.04
CA PHE B 97 8.90 -17.48 -10.08
C PHE B 97 8.35 -18.00 -11.38
N LYS B 98 7.23 -18.73 -11.31
CA LYS B 98 6.49 -19.11 -12.51
C LYS B 98 5.01 -19.21 -12.14
N GLY B 99 4.30 -18.11 -12.29
CA GLY B 99 2.89 -18.08 -11.92
C GLY B 99 2.76 -17.87 -10.42
N GLU B 100 1.59 -18.23 -9.87
CA GLU B 100 1.33 -17.95 -8.47
C GLU B 100 0.11 -18.68 -7.94
N VAL B 101 -0.11 -18.59 -6.64
CA VAL B 101 -1.30 -19.21 -6.05
C VAL B 101 -2.51 -18.27 -6.22
N THR B 102 -3.61 -18.77 -6.75
CA THR B 102 -4.80 -17.93 -6.93
C THR B 102 -5.54 -17.73 -5.63
N PRO B 103 -6.37 -16.70 -5.54
CA PRO B 103 -7.20 -16.52 -4.34
C PRO B 103 -8.02 -17.75 -4.03
N GLU B 104 -8.75 -18.30 -5.01
CA GLU B 104 -9.58 -19.47 -4.71
C GLU B 104 -8.79 -20.63 -4.08
N GLU B 105 -7.62 -20.96 -4.62
CA GLU B 105 -6.85 -22.09 -4.07
C GLU B 105 -6.30 -21.72 -2.69
N GLN B 106 -5.91 -20.47 -2.52
CA GLN B 106 -5.40 -20.01 -1.23
C GLN B 106 -6.45 -20.14 -0.13
N ALA B 107 -7.69 -19.74 -0.44
CA ALA B 107 -8.77 -19.86 0.53
C ALA B 107 -9.12 -21.31 0.89
N ILE B 108 -9.14 -22.20 -0.11
CA ILE B 108 -9.48 -23.60 0.19
C ILE B 108 -8.39 -24.23 1.07
N ALA B 109 -7.14 -23.87 0.81
CA ALA B 109 -6.02 -24.35 1.62
C ALA B 109 -6.11 -23.81 3.06
N GLN B 110 -6.53 -22.56 3.20
CA GLN B 110 -6.63 -21.94 4.52
C GLN B 110 -7.72 -22.56 5.38
N ASN B 111 -8.81 -23.00 4.75
CA ASN B 111 -9.95 -23.58 5.46
C ASN B 111 -9.83 -25.09 5.65
N HIS B 112 -8.79 -25.67 5.07
CA HIS B 112 -8.62 -27.12 5.06
C HIS B 112 -8.47 -27.65 6.48
N PRO B 113 -9.03 -28.85 6.75
CA PRO B 113 -8.91 -29.50 8.06
C PRO B 113 -7.47 -29.62 8.59
N PHE B 114 -6.48 -29.84 7.72
CA PHE B 114 -5.08 -29.90 8.15
C PHE B 114 -4.51 -28.53 8.50
N VAL B 115 -5.13 -27.46 8.03
CA VAL B 115 -4.54 -26.13 8.14
C VAL B 115 -5.19 -25.22 9.18
N GLN B 116 -6.50 -25.26 9.30
CA GLN B 116 -7.16 -24.49 10.34
C GLN B 116 -7.30 -25.32 11.62
N THR C 8 10.10 -9.30 37.36
CA THR C 8 9.80 -8.32 38.40
C THR C 8 10.98 -7.36 38.61
N ALA C 9 11.95 -7.79 39.43
CA ALA C 9 13.16 -7.02 39.67
C ALA C 9 14.35 -7.70 38.97
N LEU C 10 14.05 -8.76 38.25
CA LEU C 10 15.05 -9.50 37.48
C LEU C 10 15.08 -9.03 36.02
N GLY C 11 13.98 -8.41 35.59
CA GLY C 11 13.94 -7.76 34.28
C GLY C 11 14.59 -6.40 34.40
N ALA C 12 14.46 -5.79 35.57
CA ALA C 12 15.22 -4.60 35.92
C ALA C 12 16.71 -4.96 35.92
N ALA C 13 17.04 -6.02 36.65
CA ALA C 13 18.43 -6.50 36.75
C ALA C 13 19.04 -6.81 35.38
N LEU C 14 18.31 -7.58 34.59
CA LEU C 14 18.77 -7.91 33.24
C LEU C 14 18.94 -6.65 32.39
N LYS C 15 17.93 -5.78 32.36
CA LYS C 15 18.02 -4.52 31.65
C LYS C 15 19.27 -3.74 32.05
N SER C 16 19.55 -3.70 33.35
CA SER C 16 20.73 -3.01 33.86
C SER C 16 21.99 -3.60 33.27
N ALA C 17 22.13 -4.91 33.39
CA ALA C 17 23.30 -5.61 32.90
C ALA C 17 23.57 -5.36 31.41
N VAL C 18 22.57 -5.53 30.55
CA VAL C 18 22.83 -5.37 29.12
C VAL C 18 23.18 -3.94 28.75
N GLN C 19 22.65 -2.98 29.50
CA GLN C 19 22.98 -1.56 29.26
C GLN C 19 24.45 -1.22 29.53
N THR C 20 25.20 -2.11 30.18
CA THR C 20 26.61 -1.84 30.44
C THR C 20 27.51 -2.20 29.26
N MSE C 21 27.01 -3.04 28.37
CA MSE C 21 27.77 -3.47 27.19
C MSE C 21 27.82 -2.33 26.16
O MSE C 21 26.95 -1.45 26.13
CB MSE C 21 27.12 -4.71 26.56
CG MSE C 21 26.77 -5.86 27.51
SE MSE C 21 25.55 -7.21 26.70
CE MSE C 21 24.98 -8.04 28.34
N SER C 22 28.84 -2.37 25.31
CA SER C 22 28.96 -1.38 24.23
C SER C 22 27.74 -1.38 23.32
N LYS C 23 27.64 -0.37 22.46
CA LYS C 23 26.52 -0.29 21.53
C LYS C 23 26.57 -1.45 20.53
N LYS C 24 27.75 -1.70 19.98
CA LYS C 24 27.89 -2.77 19.00
C LYS C 24 27.55 -4.11 19.61
N LYS C 25 27.99 -4.32 20.86
CA LYS C 25 27.77 -5.58 21.54
C LYS C 25 26.29 -5.81 21.84
N GLN C 26 25.59 -4.74 22.22
CA GLN C 26 24.17 -4.86 22.52
C GLN C 26 23.38 -5.23 21.27
N THR C 27 23.62 -4.52 20.17
CA THR C 27 22.88 -4.81 18.94
C THR C 27 23.20 -6.23 18.42
N GLU C 28 24.44 -6.68 18.57
CA GLU C 28 24.77 -8.05 18.19
C GLU C 28 24.04 -9.05 19.08
N MSE C 29 23.87 -8.71 20.36
CA MSE C 29 23.12 -9.59 21.25
C MSE C 29 21.64 -9.66 20.86
O MSE C 29 21.07 -10.75 20.82
CB MSE C 29 23.25 -9.15 22.70
CG MSE C 29 22.44 -10.00 23.69
SE MSE C 29 22.61 -9.23 25.50
CE MSE C 29 21.60 -10.59 26.49
N ILE C 30 21.04 -8.51 20.57
CA ILE C 30 19.62 -8.42 20.25
C ILE C 30 19.28 -9.16 18.96
N ALA C 31 20.17 -9.07 17.98
CA ALA C 31 20.02 -9.83 16.76
C ALA C 31 20.14 -11.35 17.03
N ASP C 32 21.13 -11.76 17.82
CA ASP C 32 21.30 -13.18 18.15
C ASP C 32 20.07 -13.77 18.83
N HIS C 33 19.56 -13.04 19.83
CA HIS C 33 18.34 -13.42 20.53
C HIS C 33 17.18 -13.60 19.54
N ILE C 34 16.92 -12.57 18.74
CA ILE C 34 15.80 -12.58 17.81
C ILE C 34 15.86 -13.71 16.80
N TYR C 35 17.01 -13.87 16.14
CA TYR C 35 17.14 -14.95 15.17
C TYR C 35 17.05 -16.30 15.85
N GLY C 36 17.48 -16.35 17.09
CA GLY C 36 17.44 -17.58 17.85
C GLY C 36 16.06 -17.91 18.36
N LYS C 37 15.27 -16.88 18.66
CA LYS C 37 13.97 -17.12 19.28
C LYS C 37 12.83 -17.29 18.26
N TYR C 38 12.88 -16.51 17.18
CA TYR C 38 11.72 -16.35 16.31
C TYR C 38 11.91 -16.98 14.92
N ASP C 39 11.12 -18.01 14.63
CA ASP C 39 11.13 -18.65 13.33
C ASP C 39 10.83 -17.69 12.18
N VAL C 40 9.91 -16.74 12.38
CA VAL C 40 9.56 -15.81 11.30
C VAL C 40 10.83 -15.08 10.85
N PHE C 41 11.72 -14.76 11.79
CA PHE C 41 12.97 -14.08 11.45
C PHE C 41 14.00 -15.02 10.81
N LYS C 42 14.15 -16.19 11.41
CA LYS C 42 15.09 -17.21 10.95
C LYS C 42 14.78 -17.70 9.53
N ARG C 43 13.50 -17.79 9.21
CA ARG C 43 13.11 -18.32 7.90
C ARG C 43 12.73 -17.23 6.91
N PHE C 44 13.06 -15.98 7.25
CA PHE C 44 12.79 -14.82 6.39
C PHE C 44 11.39 -14.79 5.77
N LYS C 45 10.35 -14.91 6.61
CA LYS C 45 8.98 -14.72 6.14
C LYS C 45 8.63 -13.25 6.18
N PRO C 46 7.77 -12.78 5.25
CA PRO C 46 7.40 -11.36 5.33
C PRO C 46 6.81 -11.08 6.71
N LEU C 47 7.21 -9.99 7.36
CA LEU C 47 6.77 -9.69 8.71
C LEU C 47 5.51 -8.83 8.71
N ALA C 48 4.64 -9.07 9.69
CA ALA C 48 3.50 -8.18 9.93
C ALA C 48 3.95 -6.73 10.04
N LEU C 49 3.17 -5.80 9.51
CA LEU C 49 3.46 -4.38 9.66
C LEU C 49 3.38 -4.01 11.14
N GLY C 50 4.27 -3.12 11.58
CA GLY C 50 4.32 -2.75 12.99
C GLY C 50 4.94 -3.81 13.91
N ILE C 51 5.71 -4.73 13.33
CA ILE C 51 6.33 -5.81 14.08
C ILE C 51 7.33 -5.25 15.11
N ASP C 52 7.89 -4.09 14.80
CA ASP C 52 8.86 -3.43 15.69
C ASP C 52 8.26 -3.13 17.05
N GLN C 53 7.01 -2.65 17.04
CA GLN C 53 6.27 -2.45 18.27
C GLN C 53 6.08 -3.80 18.97
N ASP C 54 5.80 -4.85 18.19
CA ASP C 54 5.65 -6.19 18.77
C ASP C 54 6.96 -6.66 19.42
N LEU C 55 8.10 -6.41 18.79
CA LEU C 55 9.41 -6.79 19.31
C LEU C 55 9.69 -6.07 20.61
N ILE C 56 9.39 -4.78 20.61
CA ILE C 56 9.70 -3.93 21.75
C ILE C 56 8.94 -4.35 23.00
N ALA C 57 7.65 -4.61 22.84
CA ALA C 57 6.85 -5.11 23.95
C ALA C 57 7.34 -6.47 24.42
N ALA C 58 7.81 -7.30 23.50
CA ALA C 58 8.23 -8.67 23.83
C ALA C 58 9.60 -8.72 24.50
N LEU C 59 10.42 -7.71 24.20
CA LEU C 59 11.79 -7.64 24.68
C LEU C 59 12.05 -6.34 25.44
N PRO C 60 11.32 -6.13 26.56
CA PRO C 60 11.53 -4.93 27.38
C PRO C 60 12.99 -4.76 27.85
N GLN C 61 13.73 -5.86 27.97
CA GLN C 61 15.13 -5.76 28.41
C GLN C 61 16.04 -5.03 27.42
N TYR C 62 15.67 -4.99 26.16
CA TYR C 62 16.51 -4.36 25.15
C TYR C 62 16.13 -2.91 24.83
N ASP C 63 17.13 -2.16 24.38
CA ASP C 63 17.00 -0.78 23.97
C ASP C 63 16.12 -0.70 22.72
N ALA C 64 14.93 -0.11 22.86
CA ALA C 64 13.99 0.01 21.74
C ALA C 64 14.66 0.49 20.46
N ALA C 65 15.54 1.48 20.59
CA ALA C 65 16.21 2.05 19.42
C ALA C 65 17.06 1.01 18.71
N LEU C 66 17.79 0.20 19.48
CA LEU C 66 18.62 -0.84 18.90
C LEU C 66 17.78 -1.96 18.26
N ILE C 67 16.64 -2.27 18.87
CA ILE C 67 15.74 -3.25 18.30
C ILE C 67 15.34 -2.79 16.90
N ALA C 68 14.96 -1.51 16.78
CA ALA C 68 14.54 -0.96 15.50
C ALA C 68 15.67 -1.05 14.49
N ARG C 69 16.89 -0.82 14.96
CA ARG C 69 18.07 -0.96 14.11
C ARG C 69 18.23 -2.38 13.59
N VAL C 70 18.11 -3.36 14.48
CA VAL C 70 18.25 -4.75 14.08
C VAL C 70 17.16 -5.15 13.09
N LEU C 71 15.94 -4.68 13.36
CA LEU C 71 14.83 -4.97 12.46
C LEU C 71 15.07 -4.36 11.08
N ALA C 72 15.64 -3.16 11.03
CA ALA C 72 15.91 -2.50 9.76
C ALA C 72 16.99 -3.23 8.97
N ASN C 73 18.04 -3.68 9.64
CA ASN C 73 19.07 -4.48 8.98
C ASN C 73 18.51 -5.78 8.42
N HIS C 74 17.62 -6.42 9.17
CA HIS C 74 16.97 -7.66 8.72
C HIS C 74 16.21 -7.38 7.43
N CYS C 75 15.40 -6.34 7.44
CA CYS C 75 14.50 -6.07 6.34
C CYS C 75 15.19 -5.57 5.07
N ARG C 76 16.49 -5.29 5.14
CA ARG C 76 17.18 -4.84 3.94
C ARG C 76 18.08 -5.91 3.30
N ARG C 77 18.11 -7.08 3.92
CA ARG C 77 18.86 -8.21 3.36
C ARG C 77 18.20 -8.77 2.09
N PRO C 78 19.03 -9.29 1.17
CA PRO C 78 18.55 -9.97 -0.03
C PRO C 78 17.47 -11.01 0.24
N ARG C 79 17.64 -11.88 1.24
CA ARG C 79 16.62 -12.90 1.50
C ARG C 79 15.30 -12.28 1.92
N TYR C 80 15.34 -11.15 2.63
CA TYR C 80 14.07 -10.49 2.95
C TYR C 80 13.44 -9.86 1.70
N LEU C 81 14.22 -9.16 0.89
CA LEU C 81 13.69 -8.59 -0.34
C LEU C 81 13.07 -9.67 -1.22
N LYS C 82 13.76 -10.80 -1.36
CA LYS C 82 13.20 -11.93 -2.12
C LYS C 82 11.87 -12.44 -1.56
N ALA C 83 11.77 -12.53 -0.23
CA ALA C 83 10.54 -13.00 0.42
C ALA C 83 9.42 -12.03 0.15
N LEU C 84 9.71 -10.74 0.21
CA LEU C 84 8.71 -9.74 -0.17
C LEU C 84 8.28 -9.91 -1.65
N ALA C 85 9.25 -10.13 -2.53
CA ALA C 85 8.95 -10.32 -3.95
C ALA C 85 8.08 -11.55 -4.16
N ARG C 86 8.33 -12.57 -3.34
CA ARG C 86 7.55 -13.79 -3.40
C ARG C 86 6.10 -13.50 -2.98
N GLY C 87 5.92 -12.54 -2.08
CA GLY C 87 4.60 -12.08 -1.67
C GLY C 87 3.85 -13.06 -0.78
N GLY C 88 2.54 -12.90 -0.71
CA GLY C 88 1.71 -13.74 0.11
C GLY C 88 1.45 -13.12 1.46
N LYS C 89 1.07 -13.95 2.43
CA LYS C 89 0.76 -13.48 3.77
C LYS C 89 1.98 -12.96 4.50
N ARG C 90 1.75 -11.99 5.40
CA ARG C 90 2.72 -11.56 6.40
C ARG C 90 2.47 -12.30 7.72
N PHE C 91 3.48 -12.40 8.58
CA PHE C 91 3.39 -13.19 9.80
C PHE C 91 3.74 -12.39 11.06
N ASP C 92 3.09 -12.71 12.18
CA ASP C 92 3.41 -12.06 13.44
C ASP C 92 4.49 -12.85 14.18
N LEU C 93 4.91 -12.37 15.34
CA LEU C 93 6.00 -13.05 16.07
C LEU C 93 5.68 -14.51 16.42
N ASN C 94 4.40 -14.82 16.56
CA ASN C 94 3.94 -16.18 16.86
C ASN C 94 3.77 -17.03 15.62
N ASN C 95 4.18 -16.48 14.48
CA ASN C 95 4.14 -17.23 13.24
C ASN C 95 2.71 -17.53 12.78
N ARG C 96 1.80 -16.62 13.11
CA ARG C 96 0.44 -16.67 12.59
C ARG C 96 0.26 -15.60 11.53
N PHE C 97 -0.69 -15.81 10.64
CA PHE C 97 -0.99 -14.86 9.59
C PHE C 97 -1.37 -13.52 10.21
N LYS C 98 -0.84 -12.42 9.67
CA LYS C 98 -1.29 -11.10 10.05
C LYS C 98 -1.08 -10.12 8.90
N GLY C 99 -2.07 -10.04 8.02
CA GLY C 99 -1.99 -9.17 6.86
C GLY C 99 -1.23 -9.87 5.74
N GLU C 100 -0.68 -9.08 4.83
CA GLU C 100 0.00 -9.68 3.68
C GLU C 100 0.80 -8.65 2.94
N VAL C 101 1.61 -9.13 2.00
CA VAL C 101 2.37 -8.30 1.09
C VAL C 101 1.40 -7.84 -0.01
N THR C 102 1.06 -6.55 0.00
CA THR C 102 0.17 -5.99 -1.02
C THR C 102 0.80 -6.08 -2.41
N PRO C 103 -0.02 -5.92 -3.47
CA PRO C 103 0.55 -5.87 -4.82
C PRO C 103 1.56 -4.74 -5.04
N GLU C 104 1.30 -3.53 -4.53
CA GLU C 104 2.32 -2.49 -4.68
C GLU C 104 3.63 -2.79 -3.90
N GLU C 105 3.50 -3.36 -2.71
CA GLU C 105 4.68 -3.68 -1.90
C GLU C 105 5.53 -4.71 -2.63
N GLN C 106 4.86 -5.74 -3.16
CA GLN C 106 5.53 -6.81 -3.91
C GLN C 106 6.18 -6.26 -5.17
N ALA C 107 5.46 -5.40 -5.89
CA ALA C 107 5.99 -4.83 -7.12
C ALA C 107 7.26 -4.06 -6.85
N ILE C 108 7.30 -3.28 -5.76
CA ILE C 108 8.49 -2.47 -5.48
C ILE C 108 9.65 -3.39 -5.12
N ALA C 109 9.34 -4.46 -4.38
CA ALA C 109 10.34 -5.44 -4.00
C ALA C 109 10.91 -6.12 -5.24
N GLN C 110 10.04 -6.49 -6.18
CA GLN C 110 10.50 -7.18 -7.38
C GLN C 110 11.42 -6.31 -8.25
N ASN C 111 11.31 -5.00 -8.10
CA ASN C 111 12.22 -4.11 -8.83
C ASN C 111 13.62 -3.97 -8.19
N HIS C 112 13.84 -4.65 -7.07
CA HIS C 112 15.15 -4.61 -6.41
C HIS C 112 16.14 -5.52 -7.14
N PRO C 113 17.38 -5.04 -7.35
CA PRO C 113 18.47 -5.77 -8.03
C PRO C 113 18.73 -7.18 -7.48
N PHE C 114 18.62 -7.34 -6.16
CA PHE C 114 18.76 -8.66 -5.54
C PHE C 114 17.81 -9.67 -6.18
N VAL C 115 16.54 -9.30 -6.27
CA VAL C 115 15.50 -10.19 -6.79
C VAL C 115 15.62 -10.40 -8.31
N GLN C 116 16.11 -9.37 -9.00
CA GLN C 116 16.33 -9.45 -10.44
C GLN C 116 17.19 -10.66 -10.78
N GLN C 117 18.37 -10.72 -10.17
CA GLN C 117 19.27 -11.85 -10.38
C GLN C 117 18.60 -13.17 -10.00
N ALA C 118 17.76 -13.13 -8.98
CA ALA C 118 17.06 -14.32 -8.48
C ALA C 118 16.20 -15.00 -9.55
N LEU C 119 15.39 -14.21 -10.25
CA LEU C 119 14.51 -14.76 -11.29
C LEU C 119 14.81 -14.18 -12.68
N ALA D 3 -10.43 14.51 -19.59
CA ALA D 3 -9.71 15.53 -20.35
C ALA D 3 -9.88 15.33 -21.86
N MSE D 4 -11.13 15.33 -22.33
CA MSE D 4 -11.47 14.93 -23.69
C MSE D 4 -10.82 15.71 -24.86
O MSE D 4 -10.85 16.94 -24.90
CB MSE D 4 -13.00 14.94 -23.86
CG MSE D 4 -13.50 14.40 -25.20
SE MSE D 4 -12.94 12.56 -25.55
CE MSE D 4 -12.88 11.90 -23.72
N THR D 5 -10.23 14.97 -25.80
CA THR D 5 -9.62 15.56 -27.00
C THR D 5 -10.12 14.84 -28.26
N GLN D 6 -9.94 15.46 -29.42
CA GLN D 6 -10.40 14.89 -30.69
C GLN D 6 -9.79 13.51 -30.97
N GLU D 7 -8.51 13.37 -30.63
CA GLU D 7 -7.76 12.14 -30.88
C GLU D 7 -8.28 10.95 -30.06
N THR D 8 -8.80 11.23 -28.87
CA THR D 8 -9.37 10.16 -28.05
C THR D 8 -10.87 9.98 -28.28
N ALA D 9 -11.48 10.93 -28.98
CA ALA D 9 -12.89 10.80 -29.31
C ALA D 9 -13.03 9.83 -30.46
N LEU D 10 -12.06 9.86 -31.36
CA LEU D 10 -12.01 8.90 -32.46
C LEU D 10 -11.27 7.65 -32.01
N GLY D 11 -10.94 7.61 -30.72
CA GLY D 11 -10.24 6.48 -30.13
C GLY D 11 -10.44 5.16 -30.83
N ALA D 12 -11.67 4.65 -30.83
CA ALA D 12 -11.97 3.38 -31.49
C ALA D 12 -11.72 3.49 -32.98
N ALA D 13 -12.23 4.55 -33.59
CA ALA D 13 -12.16 4.73 -35.03
C ALA D 13 -10.75 4.54 -35.58
N LEU D 14 -9.76 5.16 -34.94
CA LEU D 14 -8.40 5.12 -35.47
C LEU D 14 -7.47 4.20 -34.68
N LYS D 15 -8.04 3.31 -33.88
CA LYS D 15 -7.28 2.31 -33.16
C LYS D 15 -6.62 1.34 -34.16
N SER D 16 -7.41 0.83 -35.09
CA SER D 16 -6.89 -0.10 -36.09
C SER D 16 -5.76 0.54 -36.90
N ALA D 17 -5.96 1.76 -37.36
CA ALA D 17 -4.90 2.50 -38.04
C ALA D 17 -3.57 2.46 -37.27
N VAL D 18 -3.62 2.76 -35.99
CA VAL D 18 -2.42 2.76 -35.16
C VAL D 18 -1.83 1.35 -34.99
N GLN D 19 -2.70 0.36 -34.87
CA GLN D 19 -2.21 -1.02 -34.73
C GLN D 19 -1.50 -1.52 -36.01
N THR D 20 -1.46 -0.66 -37.01
CA THR D 20 -0.77 -0.93 -38.27
C THR D 20 0.76 -0.76 -38.15
N MSE D 21 1.19 -0.03 -37.12
CA MSE D 21 2.61 0.22 -36.87
C MSE D 21 3.25 -0.93 -36.10
O MSE D 21 2.55 -1.65 -35.38
CB MSE D 21 2.76 1.50 -36.04
CG MSE D 21 1.99 2.68 -36.54
SE MSE D 21 2.48 3.16 -38.35
CE MSE D 21 0.72 3.06 -39.17
N SER D 22 4.56 -1.09 -36.25
CA SER D 22 5.31 -2.03 -35.42
C SER D 22 5.05 -1.76 -33.95
N LYS D 23 5.22 -2.77 -33.11
CA LYS D 23 5.07 -2.57 -31.67
C LYS D 23 6.13 -1.64 -31.10
N LYS D 24 7.33 -1.68 -31.67
CA LYS D 24 8.36 -0.71 -31.30
C LYS D 24 7.86 0.71 -31.48
N LYS D 25 7.23 0.99 -32.62
CA LYS D 25 6.78 2.35 -32.93
C LYS D 25 5.59 2.72 -32.08
N GLN D 26 4.68 1.77 -31.91
CA GLN D 26 3.52 1.96 -31.07
C GLN D 26 3.95 2.26 -29.62
N THR D 27 4.88 1.47 -29.11
CA THR D 27 5.39 1.71 -27.76
C THR D 27 5.94 3.14 -27.64
N GLU D 28 6.72 3.58 -28.63
CA GLU D 28 7.29 4.92 -28.60
C GLU D 28 6.22 6.00 -28.65
N MSE D 29 5.18 5.77 -29.44
CA MSE D 29 4.06 6.72 -29.51
C MSE D 29 3.40 6.84 -28.13
O MSE D 29 3.02 7.93 -27.69
CB MSE D 29 3.01 6.24 -30.52
CG MSE D 29 3.32 6.57 -31.98
SE MSE D 29 1.83 6.06 -33.14
CE MSE D 29 2.33 4.22 -33.53
N ILE D 30 3.20 5.70 -27.48
CA ILE D 30 2.53 5.65 -26.19
C ILE D 30 3.34 6.40 -25.13
N ALA D 31 4.62 6.08 -25.02
CA ALA D 31 5.51 6.79 -24.10
C ALA D 31 5.53 8.29 -24.36
N ASP D 32 5.75 8.70 -25.60
CA ASP D 32 5.76 10.12 -25.98
C ASP D 32 4.45 10.86 -25.61
N HIS D 33 3.32 10.22 -25.80
CA HIS D 33 2.02 10.78 -25.43
C HIS D 33 1.91 10.93 -23.90
N ILE D 34 2.26 9.88 -23.17
CA ILE D 34 2.14 9.86 -21.71
C ILE D 34 3.05 10.93 -21.07
N TYR D 35 4.30 10.95 -21.49
CA TYR D 35 5.25 11.89 -20.91
C TYR D 35 5.00 13.31 -21.38
N GLY D 36 4.33 13.45 -22.52
CA GLY D 36 4.09 14.77 -23.07
C GLY D 36 2.81 15.39 -22.53
N LYS D 37 1.85 14.55 -22.19
CA LYS D 37 0.53 15.01 -21.76
C LYS D 37 0.32 14.99 -20.24
N TYR D 38 1.00 14.11 -19.51
CA TYR D 38 0.71 13.94 -18.08
C TYR D 38 1.78 14.45 -17.12
N ASP D 39 1.50 15.58 -16.48
CA ASP D 39 2.43 16.13 -15.53
C ASP D 39 2.95 15.06 -14.59
N VAL D 40 2.05 14.21 -14.08
CA VAL D 40 2.47 13.25 -13.05
C VAL D 40 3.54 12.27 -13.55
N PHE D 41 3.58 12.00 -14.85
CA PHE D 41 4.62 11.11 -15.39
C PHE D 41 5.88 11.88 -15.68
N LYS D 42 5.72 13.01 -16.34
CA LYS D 42 6.84 13.86 -16.70
C LYS D 42 7.68 14.23 -15.46
N ARG D 43 7.01 14.43 -14.33
CA ARG D 43 7.66 14.90 -13.11
C ARG D 43 7.91 13.77 -12.12
N PHE D 44 7.64 12.54 -12.52
CA PHE D 44 7.83 11.36 -11.67
C PHE D 44 7.25 11.50 -10.27
N LYS D 45 5.96 11.76 -10.17
CA LYS D 45 5.29 11.75 -8.89
C LYS D 45 4.81 10.33 -8.62
N PRO D 46 4.74 9.91 -7.35
CA PRO D 46 4.19 8.58 -7.05
C PRO D 46 2.78 8.48 -7.61
N LEU D 47 2.47 7.38 -8.29
CA LEU D 47 1.22 7.27 -9.02
C LEU D 47 0.13 6.56 -8.21
N ALA D 48 -1.12 7.01 -8.36
CA ALA D 48 -2.27 6.34 -7.74
C ALA D 48 -2.21 4.84 -7.99
N LEU D 49 -2.53 4.04 -6.99
CA LEU D 49 -2.63 2.60 -7.22
C LEU D 49 -3.68 2.41 -8.31
N GLY D 50 -3.43 1.47 -9.21
CA GLY D 50 -4.36 1.22 -10.30
C GLY D 50 -4.30 2.28 -11.39
N ILE D 51 -3.16 2.92 -11.54
CA ILE D 51 -3.01 3.93 -12.57
C ILE D 51 -3.05 3.28 -13.95
N ASP D 52 -2.69 2.00 -14.02
CA ASP D 52 -2.77 1.24 -15.27
C ASP D 52 -4.17 1.22 -15.87
N GLN D 53 -5.19 0.95 -15.05
CA GLN D 53 -6.57 0.99 -15.52
C GLN D 53 -6.99 2.39 -15.92
N ASP D 54 -6.47 3.41 -15.23
CA ASP D 54 -6.82 4.78 -15.57
C ASP D 54 -6.27 5.15 -16.95
N LEU D 55 -5.04 4.72 -17.22
CA LEU D 55 -4.34 4.99 -18.45
C LEU D 55 -5.09 4.33 -19.61
N ILE D 56 -5.46 3.06 -19.42
CA ILE D 56 -6.12 2.28 -20.46
C ILE D 56 -7.45 2.91 -20.86
N ALA D 57 -8.24 3.30 -19.87
CA ALA D 57 -9.46 4.06 -20.15
C ALA D 57 -9.13 5.35 -20.90
N ALA D 58 -8.14 6.10 -20.42
CA ALA D 58 -7.76 7.38 -21.02
C ALA D 58 -7.25 7.26 -22.46
N LEU D 59 -6.69 6.11 -22.82
CA LEU D 59 -6.09 5.93 -24.15
C LEU D 59 -6.73 4.80 -24.97
N PRO D 60 -8.00 4.96 -25.37
CA PRO D 60 -8.65 3.91 -26.16
C PRO D 60 -8.00 3.70 -27.52
N GLN D 61 -7.20 4.65 -28.00
CA GLN D 61 -6.61 4.53 -29.33
C GLN D 61 -5.35 3.66 -29.35
N TYR D 62 -4.91 3.20 -28.18
CA TYR D 62 -3.66 2.43 -28.06
C TYR D 62 -3.88 1.07 -27.43
N ASP D 63 -3.04 0.12 -27.78
CA ASP D 63 -3.10 -1.23 -27.24
C ASP D 63 -2.83 -1.26 -25.72
N ALA D 64 -3.69 -1.93 -24.96
CA ALA D 64 -3.62 -1.97 -23.51
C ALA D 64 -2.35 -2.64 -23.02
N ALA D 65 -1.98 -3.76 -23.64
CA ALA D 65 -0.77 -4.46 -23.25
C ALA D 65 0.45 -3.56 -23.42
N LEU D 66 0.45 -2.75 -24.46
CA LEU D 66 1.58 -1.88 -24.69
C LEU D 66 1.56 -0.69 -23.71
N ILE D 67 0.37 -0.30 -23.26
CA ILE D 67 0.27 0.74 -22.26
C ILE D 67 0.82 0.22 -20.92
N ALA D 68 0.56 -1.05 -20.63
CA ALA D 68 1.01 -1.66 -19.37
C ALA D 68 2.51 -1.85 -19.39
N ARG D 69 3.06 -2.23 -20.55
CA ARG D 69 4.51 -2.28 -20.69
C ARG D 69 5.19 -0.92 -20.42
N VAL D 70 4.71 0.15 -21.06
CA VAL D 70 5.27 1.47 -20.86
C VAL D 70 5.19 1.89 -19.39
N LEU D 71 4.04 1.67 -18.77
CA LEU D 71 3.85 1.95 -17.36
C LEU D 71 4.90 1.21 -16.51
N ALA D 72 5.07 -0.08 -16.78
CA ALA D 72 6.05 -0.89 -16.05
C ALA D 72 7.48 -0.40 -16.23
N ASN D 73 7.83 0.06 -17.43
CA ASN D 73 9.18 0.58 -17.62
C ASN D 73 9.39 1.86 -16.83
N HIS D 74 8.33 2.67 -16.73
CA HIS D 74 8.37 3.93 -16.00
C HIS D 74 8.63 3.69 -14.51
N CYS D 75 7.89 2.74 -13.95
CA CYS D 75 7.91 2.52 -12.51
C CYS D 75 9.16 1.78 -12.03
N ARG D 76 10.02 1.35 -12.94
CA ARG D 76 11.29 0.79 -12.48
C ARG D 76 12.49 1.69 -12.80
N ARG D 77 12.23 2.92 -13.23
CA ARG D 77 13.30 3.88 -13.47
C ARG D 77 13.80 4.44 -12.15
N PRO D 78 15.11 4.65 -12.04
CA PRO D 78 15.74 5.13 -10.79
C PRO D 78 14.94 6.28 -10.20
N ARG D 79 14.57 7.21 -11.06
CA ARG D 79 13.79 8.39 -10.67
C ARG D 79 12.45 8.05 -10.01
N TYR D 80 11.80 7.01 -10.48
CA TYR D 80 10.54 6.65 -9.86
C TYR D 80 10.82 6.03 -8.49
N LEU D 81 11.81 5.16 -8.41
CA LEU D 81 12.19 4.58 -7.13
C LEU D 81 12.57 5.66 -6.11
N LYS D 82 13.32 6.68 -6.54
CA LYS D 82 13.64 7.81 -5.66
C LYS D 82 12.38 8.54 -5.20
N ALA D 83 11.41 8.70 -6.11
CA ALA D 83 10.14 9.34 -5.75
C ALA D 83 9.36 8.50 -4.74
N LEU D 84 9.33 7.18 -4.92
CA LEU D 84 8.74 6.34 -3.90
C LEU D 84 9.47 6.48 -2.56
N ALA D 85 10.80 6.49 -2.59
CA ALA D 85 11.57 6.65 -1.36
C ALA D 85 11.24 7.97 -0.69
N ARG D 86 10.96 9.00 -1.48
CA ARG D 86 10.64 10.32 -0.92
C ARG D 86 9.29 10.28 -0.21
N GLY D 87 8.37 9.49 -0.74
CA GLY D 87 7.10 9.25 -0.07
C GLY D 87 6.08 10.35 -0.29
N GLY D 88 5.10 10.43 0.60
CA GLY D 88 4.06 11.44 0.51
C GLY D 88 2.90 10.95 -0.35
N LYS D 89 2.12 11.89 -0.87
CA LYS D 89 0.86 11.58 -1.54
C LYS D 89 1.11 10.87 -2.88
N ARG D 90 0.17 10.02 -3.29
CA ARG D 90 0.15 9.51 -4.66
C ARG D 90 -0.78 10.40 -5.51
N PHE D 91 -0.61 10.41 -6.82
CA PHE D 91 -1.40 11.30 -7.69
C PHE D 91 -2.08 10.54 -8.82
N ASP D 92 -3.29 10.97 -9.19
CA ASP D 92 -3.97 10.38 -10.34
C ASP D 92 -3.64 11.17 -11.60
N LEU D 93 -4.24 10.78 -12.72
CA LEU D 93 -3.89 11.35 -14.02
C LEU D 93 -4.14 12.85 -14.12
N ASN D 94 -5.07 13.37 -13.32
CA ASN D 94 -5.32 14.82 -13.31
C ASN D 94 -4.42 15.60 -12.35
N ASN D 95 -3.38 14.94 -11.83
CA ASN D 95 -2.45 15.59 -10.92
C ASN D 95 -3.17 15.95 -9.60
N ARG D 96 -4.13 15.13 -9.19
CA ARG D 96 -4.77 15.31 -7.89
C ARG D 96 -4.42 14.18 -6.92
N PHE D 97 -4.43 14.48 -5.61
CA PHE D 97 -4.07 13.50 -4.58
C PHE D 97 -4.99 12.30 -4.68
N LYS D 98 -4.42 11.10 -4.70
CA LYS D 98 -5.24 9.89 -4.56
C LYS D 98 -4.47 8.78 -3.84
N GLY D 99 -4.69 8.68 -2.53
CA GLY D 99 -3.94 7.73 -1.71
C GLY D 99 -2.53 8.26 -1.46
N GLU D 100 -1.66 7.38 -0.96
CA GLU D 100 -0.32 7.81 -0.58
C GLU D 100 0.69 6.69 -0.68
N VAL D 101 1.95 7.03 -0.60
CA VAL D 101 2.97 6.03 -0.41
C VAL D 101 2.91 5.59 1.06
N THR D 102 2.60 4.32 1.34
CA THR D 102 2.51 3.87 2.72
C THR D 102 3.94 3.79 3.33
N PRO D 103 4.04 3.76 4.66
CA PRO D 103 5.35 3.63 5.29
C PRO D 103 6.08 2.38 4.81
N GLU D 104 5.35 1.28 4.60
CA GLU D 104 6.01 0.06 4.14
C GLU D 104 6.46 0.14 2.67
N GLU D 105 5.62 0.69 1.80
CA GLU D 105 6.03 0.93 0.40
C GLU D 105 7.27 1.82 0.36
N GLN D 106 7.28 2.88 1.17
CA GLN D 106 8.41 3.77 1.20
C GLN D 106 9.69 3.09 1.72
N ALA D 107 9.58 2.26 2.77
CA ALA D 107 10.75 1.55 3.29
C ALA D 107 11.35 0.62 2.25
N ILE D 108 10.50 -0.05 1.47
CA ILE D 108 11.03 -0.98 0.48
C ILE D 108 11.74 -0.22 -0.64
N ALA D 109 11.19 0.93 -1.01
CA ALA D 109 11.81 1.71 -2.06
C ALA D 109 13.15 2.24 -1.58
N GLN D 110 13.22 2.58 -0.30
CA GLN D 110 14.44 3.15 0.24
C GLN D 110 15.55 2.12 0.26
N ASN D 111 15.19 0.83 0.19
CA ASN D 111 16.21 -0.22 0.21
C ASN D 111 16.76 -0.52 -1.17
N HIS D 112 16.26 0.13 -2.20
CA HIS D 112 16.79 -0.03 -3.52
C HIS D 112 18.10 0.69 -3.59
N PRO D 113 19.07 0.10 -4.26
CA PRO D 113 20.43 0.68 -4.29
C PRO D 113 20.50 2.03 -4.99
N PHE D 114 19.65 2.26 -5.98
CA PHE D 114 19.58 3.56 -6.64
C PHE D 114 19.37 4.70 -5.65
N VAL D 115 18.51 4.46 -4.67
CA VAL D 115 18.17 5.45 -3.66
C VAL D 115 19.21 5.50 -2.55
N GLN D 116 19.63 4.32 -2.09
CA GLN D 116 20.50 4.20 -0.93
C GLN D 116 21.61 5.22 -0.89
N GLN D 117 22.38 5.28 -1.98
CA GLN D 117 23.50 6.20 -2.08
C GLN D 117 23.06 7.66 -2.24
N ALA D 118 22.18 7.88 -3.23
CA ALA D 118 21.83 9.22 -3.68
C ALA D 118 21.11 10.08 -2.63
N LEU D 119 20.09 9.50 -2.00
CA LEU D 119 19.18 10.30 -1.16
C LEU D 119 19.41 10.16 0.35
N GLN D 120 19.74 8.96 0.81
CA GLN D 120 19.89 8.69 2.25
C GLN D 120 20.92 9.62 2.91
N ASN E 2 45.20 29.07 12.00
CA ASN E 2 46.01 29.27 10.81
C ASN E 2 45.60 30.52 10.03
N ALA E 3 46.38 30.86 9.00
CA ALA E 3 46.19 32.08 8.21
C ALA E 3 44.83 32.21 7.53
N MSE E 4 44.32 33.43 7.45
CA MSE E 4 43.05 33.70 6.79
C MSE E 4 43.11 33.21 5.35
O MSE E 4 44.09 33.43 4.64
CB MSE E 4 42.71 35.18 6.84
CG MSE E 4 41.31 35.48 6.34
SE MSE E 4 40.92 37.37 6.17
CE MSE E 4 40.97 37.92 8.04
N THR E 5 42.05 32.53 4.93
CA THR E 5 41.99 31.96 3.59
C THR E 5 41.49 32.96 2.56
N GLN E 6 42.01 32.85 1.34
CA GLN E 6 41.41 33.52 0.21
C GLN E 6 39.88 33.44 0.24
N GLU E 7 39.35 32.28 0.60
CA GLU E 7 37.89 32.13 0.61
C GLU E 7 37.21 33.01 1.66
N THR E 8 37.75 33.01 2.87
CA THR E 8 37.19 33.85 3.94
C THR E 8 37.23 35.34 3.57
N ALA E 9 38.40 35.77 3.11
CA ALA E 9 38.63 37.16 2.71
C ALA E 9 37.66 37.58 1.60
N LEU E 10 37.42 36.68 0.65
CA LEU E 10 36.45 36.98 -0.41
C LEU E 10 35.08 37.21 0.19
N GLY E 11 34.72 36.37 1.17
CA GLY E 11 33.46 36.52 1.88
C GLY E 11 33.35 37.90 2.50
N ALA E 12 34.44 38.37 3.10
CA ALA E 12 34.43 39.65 3.77
C ALA E 12 34.28 40.75 2.73
N ALA E 13 34.96 40.58 1.60
CA ALA E 13 34.86 41.51 0.48
C ALA E 13 33.43 41.60 -0.08
N LEU E 14 32.84 40.43 -0.35
CA LEU E 14 31.47 40.38 -0.84
C LEU E 14 30.56 41.03 0.18
N LYS E 15 30.78 40.68 1.45
CA LYS E 15 29.98 41.25 2.54
C LYS E 15 29.98 42.79 2.51
N SER E 16 31.17 43.40 2.64
CA SER E 16 31.23 44.86 2.68
C SER E 16 30.68 45.45 1.38
N ALA E 17 30.70 44.66 0.31
CA ALA E 17 30.09 45.10 -0.94
C ALA E 17 28.55 45.14 -0.87
N VAL E 18 27.93 44.13 -0.27
CA VAL E 18 26.47 44.11 -0.16
C VAL E 18 25.96 45.19 0.81
N GLN E 19 26.71 45.45 1.86
CA GLN E 19 26.28 46.41 2.88
C GLN E 19 26.19 47.85 2.36
N THR E 20 26.65 48.09 1.13
CA THR E 20 26.50 49.39 0.51
C THR E 20 25.11 49.56 -0.08
N MSE E 21 24.31 48.49 -0.07
CA MSE E 21 23.03 48.47 -0.79
C MSE E 21 21.80 48.68 0.08
O MSE E 21 21.82 48.46 1.29
CB MSE E 21 22.82 47.14 -1.50
CG MSE E 21 23.91 46.67 -2.42
SE MSE E 21 23.35 44.95 -3.14
CE MSE E 21 22.62 45.59 -4.82
N SER E 22 20.73 49.08 -0.59
CA SER E 22 19.39 49.08 -0.02
C SER E 22 19.09 47.71 0.58
N LYS E 23 18.52 47.67 1.79
CA LYS E 23 18.12 46.39 2.35
C LYS E 23 17.16 45.67 1.41
N LYS E 24 16.37 46.44 0.68
CA LYS E 24 15.51 45.87 -0.36
C LYS E 24 16.36 45.15 -1.41
N LYS E 25 17.34 45.88 -1.95
CA LYS E 25 18.27 45.35 -2.95
C LYS E 25 18.99 44.08 -2.46
N GLN E 26 19.48 44.12 -1.24
CA GLN E 26 20.11 42.97 -0.61
C GLN E 26 19.16 41.79 -0.60
N THR E 27 17.93 42.03 -0.16
CA THR E 27 16.96 40.95 -0.05
C THR E 27 16.80 40.27 -1.41
N GLU E 28 16.51 41.03 -2.46
CA GLU E 28 16.33 40.41 -3.78
C GLU E 28 17.59 39.70 -4.28
N MSE E 29 18.77 40.18 -3.85
CA MSE E 29 20.03 39.57 -4.23
C MSE E 29 20.19 38.21 -3.56
O MSE E 29 20.73 37.28 -4.15
CB MSE E 29 21.20 40.48 -3.84
CG MSE E 29 22.56 39.83 -4.00
SE MSE E 29 24.03 41.11 -3.73
CE MSE E 29 25.49 39.87 -4.09
N ILE E 30 19.75 38.14 -2.32
CA ILE E 30 19.87 36.92 -1.54
C ILE E 30 18.96 35.83 -2.09
N ALA E 31 17.75 36.23 -2.50
CA ALA E 31 16.80 35.33 -3.15
C ALA E 31 17.35 34.78 -4.45
N ASP E 32 17.91 35.64 -5.29
CA ASP E 32 18.48 35.23 -6.57
C ASP E 32 19.65 34.27 -6.36
N HIS E 33 20.45 34.55 -5.33
CA HIS E 33 21.60 33.72 -4.98
C HIS E 33 21.12 32.33 -4.57
N ILE E 34 20.15 32.30 -3.67
CA ILE E 34 19.67 31.03 -3.12
C ILE E 34 18.97 30.18 -4.17
N TYR E 35 18.08 30.80 -4.96
CA TYR E 35 17.37 30.07 -6.01
C TYR E 35 18.34 29.57 -7.07
N GLY E 36 19.39 30.36 -7.30
CA GLY E 36 20.37 30.03 -8.31
C GLY E 36 21.34 28.94 -7.90
N LYS E 37 21.52 28.75 -6.61
CA LYS E 37 22.54 27.82 -6.11
C LYS E 37 22.00 26.53 -5.50
N TYR E 38 20.73 26.51 -5.10
CA TYR E 38 20.20 25.34 -4.37
C TYR E 38 19.02 24.69 -5.04
N ASP E 39 19.22 23.48 -5.54
CA ASP E 39 18.13 22.76 -6.19
C ASP E 39 16.88 22.56 -5.32
N VAL E 40 17.06 22.39 -4.01
CA VAL E 40 15.89 22.19 -3.15
C VAL E 40 14.95 23.41 -3.13
N PHE E 41 15.51 24.60 -3.33
CA PHE E 41 14.67 25.81 -3.41
C PHE E 41 14.05 25.94 -4.77
N LYS E 42 14.86 25.74 -5.81
CA LYS E 42 14.39 25.84 -7.19
C LYS E 42 13.26 24.86 -7.45
N ARG E 43 13.35 23.67 -6.86
CA ARG E 43 12.36 22.62 -7.12
C ARG E 43 11.23 22.54 -6.08
N PHE E 44 11.23 23.47 -5.15
CA PHE E 44 10.18 23.53 -4.13
C PHE E 44 9.95 22.23 -3.38
N LYS E 45 11.02 21.68 -2.82
CA LYS E 45 10.95 20.50 -1.98
C LYS E 45 10.80 20.92 -0.52
N PRO E 46 10.06 20.16 0.29
CA PRO E 46 9.99 20.48 1.72
C PRO E 46 11.39 20.59 2.31
N LEU E 47 11.64 21.64 3.08
CA LEU E 47 12.98 21.90 3.58
C LEU E 47 13.19 21.37 5.00
N ALA E 48 14.42 20.94 5.30
CA ALA E 48 14.72 20.42 6.64
C ALA E 48 14.34 21.47 7.67
N LEU E 49 13.90 21.05 8.85
CA LEU E 49 13.69 22.05 9.90
C LEU E 49 15.03 22.74 10.16
N GLY E 50 14.99 24.02 10.46
CA GLY E 50 16.21 24.74 10.80
C GLY E 50 17.19 24.95 9.65
N ILE E 51 16.69 24.93 8.43
CA ILE E 51 17.55 25.15 7.28
C ILE E 51 17.93 26.63 7.19
N ASP E 52 17.33 27.46 8.04
CA ASP E 52 17.76 28.85 8.14
C ASP E 52 19.19 28.93 8.72
N GLN E 53 19.47 28.10 9.71
CA GLN E 53 20.80 28.04 10.29
C GLN E 53 21.82 27.56 9.25
N ASP E 54 21.41 26.58 8.45
CA ASP E 54 22.29 26.02 7.43
C ASP E 54 22.63 27.09 6.43
N LEU E 55 21.61 27.86 6.07
CA LEU E 55 21.70 28.90 5.06
C LEU E 55 22.60 30.03 5.59
N ILE E 56 22.38 30.43 6.84
CA ILE E 56 23.15 31.49 7.44
C ILE E 56 24.62 31.12 7.49
N ALA E 57 24.90 29.86 7.82
CA ALA E 57 26.29 29.41 7.91
C ALA E 57 26.91 29.33 6.53
N ALA E 58 26.14 28.92 5.54
CA ALA E 58 26.66 28.76 4.18
C ALA E 58 26.92 30.08 3.44
N LEU E 59 26.30 31.15 3.93
CA LEU E 59 26.30 32.45 3.24
C LEU E 59 26.65 33.56 4.23
N PRO E 60 27.92 33.58 4.68
CA PRO E 60 28.37 34.48 5.74
C PRO E 60 28.25 35.96 5.35
N GLN E 61 28.27 36.26 4.05
CA GLN E 61 28.26 37.66 3.58
C GLN E 61 26.93 38.39 3.77
N TYR E 62 25.84 37.64 3.91
CA TYR E 62 24.52 38.26 3.99
C TYR E 62 23.96 38.46 5.41
N ASP E 63 23.19 39.53 5.57
CA ASP E 63 22.48 39.80 6.81
C ASP E 63 21.54 38.63 7.16
N ALA E 64 21.82 37.96 8.28
CA ALA E 64 21.03 36.82 8.74
C ALA E 64 19.54 37.12 8.76
N ALA E 65 19.18 38.33 9.17
CA ALA E 65 17.78 38.71 9.23
C ALA E 65 17.14 38.70 7.84
N LEU E 66 17.90 39.14 6.84
CA LEU E 66 17.38 39.18 5.48
C LEU E 66 17.28 37.77 4.90
N ILE E 67 18.23 36.90 5.26
CA ILE E 67 18.16 35.50 4.85
C ILE E 67 16.87 34.84 5.33
N ALA E 68 16.50 35.14 6.58
CA ALA E 68 15.28 34.57 7.17
C ALA E 68 14.03 35.11 6.47
N ARG E 69 14.09 36.37 6.07
CA ARG E 69 13.00 36.99 5.35
C ARG E 69 12.81 36.33 3.99
N VAL E 70 13.90 36.03 3.29
CA VAL E 70 13.79 35.35 2.00
C VAL E 70 13.24 33.94 2.21
N LEU E 71 13.81 33.21 3.17
CA LEU E 71 13.30 31.91 3.56
C LEU E 71 11.80 31.98 3.83
N ALA E 72 11.39 32.95 4.64
CA ALA E 72 9.98 33.13 4.99
C ALA E 72 9.09 33.48 3.79
N ASN E 73 9.60 34.24 2.83
CA ASN E 73 8.86 34.52 1.61
C ASN E 73 8.74 33.25 0.78
N HIS E 74 9.82 32.50 0.71
CA HIS E 74 9.83 31.24 -0.01
C HIS E 74 8.71 30.34 0.53
N CYS E 75 8.71 30.15 1.85
CA CYS E 75 7.82 29.18 2.47
C CYS E 75 6.36 29.59 2.50
N ARG E 76 6.04 30.81 2.09
CA ARG E 76 4.63 31.12 1.99
C ARG E 76 4.16 31.15 0.54
N ARG E 77 5.06 30.84 -0.38
CA ARG E 77 4.68 30.71 -1.78
C ARG E 77 3.71 29.52 -1.99
N PRO E 78 2.74 29.69 -2.91
CA PRO E 78 1.78 28.59 -3.12
C PRO E 78 2.43 27.26 -3.49
N ARG E 79 3.48 27.24 -4.31
CA ARG E 79 4.14 25.98 -4.64
C ARG E 79 4.70 25.29 -3.38
N TYR E 80 5.19 26.07 -2.43
CA TYR E 80 5.73 25.50 -1.20
C TYR E 80 4.64 24.91 -0.33
N LEU E 81 3.52 25.63 -0.16
CA LEU E 81 2.40 25.06 0.57
C LEU E 81 1.94 23.77 -0.09
N LYS E 82 1.95 23.72 -1.41
CA LYS E 82 1.52 22.50 -2.11
C LYS E 82 2.50 21.35 -1.87
N ALA E 83 3.77 21.70 -1.78
CA ALA E 83 4.83 20.73 -1.54
C ALA E 83 4.66 20.11 -0.15
N LEU E 84 4.27 20.95 0.81
CA LEU E 84 4.08 20.51 2.18
C LEU E 84 2.85 19.62 2.24
N ALA E 85 1.79 20.02 1.54
CA ALA E 85 0.55 19.23 1.45
C ALA E 85 0.81 17.84 0.85
N ARG E 86 1.69 17.78 -0.17
CA ARG E 86 2.10 16.50 -0.74
C ARG E 86 2.86 15.61 0.28
N GLY E 87 3.60 16.22 1.20
CA GLY E 87 4.23 15.43 2.27
C GLY E 87 5.50 14.67 1.88
N GLY E 88 5.84 13.67 2.69
CA GLY E 88 7.03 12.86 2.46
C GLY E 88 8.27 13.48 3.09
N LYS E 89 9.45 13.12 2.60
CA LYS E 89 10.72 13.56 3.18
C LYS E 89 10.95 15.08 3.11
N ARG E 90 11.72 15.59 4.06
CA ARG E 90 12.24 16.97 3.97
C ARG E 90 13.68 16.87 3.52
N PHE E 91 14.23 17.96 2.98
CA PHE E 91 15.53 17.92 2.32
C PHE E 91 16.45 19.00 2.85
N ASP E 92 17.74 18.68 3.04
CA ASP E 92 18.72 19.69 3.42
C ASP E 92 19.33 20.29 2.16
N LEU E 93 20.24 21.25 2.34
CA LEU E 93 20.81 22.02 1.22
C LEU E 93 21.54 21.17 0.18
N ASN E 94 21.95 19.97 0.56
CA ASN E 94 22.59 19.07 -0.39
C ASN E 94 21.59 18.15 -1.07
N ASN E 95 20.30 18.46 -0.92
CA ASN E 95 19.26 17.65 -1.53
C ASN E 95 19.31 16.22 -0.99
N ARG E 96 19.47 16.08 0.32
CA ARG E 96 19.46 14.78 0.97
C ARG E 96 18.39 14.78 2.05
N PHE E 97 17.76 13.62 2.27
CA PHE E 97 16.73 13.49 3.28
C PHE E 97 17.21 14.02 4.60
N LYS E 98 16.35 14.78 5.25
CA LYS E 98 16.63 15.19 6.63
C LYS E 98 15.32 15.47 7.33
N GLY E 99 14.77 14.45 7.99
CA GLY E 99 13.48 14.62 8.64
C GLY E 99 12.39 14.45 7.59
N GLU E 100 11.16 14.84 7.93
CA GLU E 100 10.03 14.59 7.06
C GLU E 100 8.93 15.59 7.35
N VAL E 101 7.94 15.66 6.48
CA VAL E 101 6.76 16.47 6.79
C VAL E 101 5.89 15.61 7.67
N THR E 102 5.63 16.01 8.89
CA THR E 102 4.87 15.15 9.79
C THR E 102 3.41 15.13 9.34
N PRO E 103 2.61 14.20 9.86
CA PRO E 103 1.20 14.21 9.43
C PRO E 103 0.50 15.51 9.81
N GLU E 104 0.80 16.05 10.99
CA GLU E 104 0.18 17.30 11.41
C GLU E 104 0.61 18.47 10.54
N GLU E 105 1.90 18.58 10.22
CA GLU E 105 2.34 19.65 9.34
C GLU E 105 1.57 19.52 7.99
N GLN E 106 1.52 18.31 7.45
CA GLN E 106 0.89 18.05 6.17
C GLN E 106 -0.61 18.43 6.17
N ALA E 107 -1.30 18.14 7.26
CA ALA E 107 -2.72 18.42 7.35
C ALA E 107 -2.98 19.92 7.42
N ILE E 108 -2.14 20.64 8.17
CA ILE E 108 -2.33 22.08 8.25
C ILE E 108 -2.11 22.70 6.87
N ALA E 109 -1.12 22.21 6.13
CA ALA E 109 -0.87 22.77 4.81
C ALA E 109 -2.02 22.40 3.85
N GLN E 110 -2.55 21.19 3.97
CA GLN E 110 -3.64 20.78 3.08
C GLN E 110 -4.88 21.66 3.28
N ASN E 111 -5.01 22.28 4.44
CA ASN E 111 -6.17 23.12 4.75
C ASN E 111 -6.00 24.55 4.25
N HIS E 112 -4.90 24.85 3.61
CA HIS E 112 -4.69 26.15 3.04
C HIS E 112 -5.49 26.28 1.76
N PRO E 113 -6.10 27.43 1.51
CA PRO E 113 -6.96 27.57 0.33
C PRO E 113 -6.26 27.33 -1.02
N PHE E 114 -5.04 27.83 -1.23
CA PHE E 114 -4.27 27.52 -2.44
C PHE E 114 -4.32 26.03 -2.78
N VAL E 115 -4.17 25.21 -1.74
CA VAL E 115 -3.98 23.77 -1.90
C VAL E 115 -5.28 23.01 -2.14
N GLN E 116 -6.33 23.36 -1.40
CA GLN E 116 -7.60 22.66 -1.50
C GLN E 116 -8.11 22.62 -2.94
N GLN E 117 -8.39 23.79 -3.51
CA GLN E 117 -8.81 23.88 -4.91
C GLN E 117 -7.98 22.95 -5.81
N ALA E 118 -6.65 23.05 -5.70
CA ALA E 118 -5.75 22.51 -6.71
C ALA E 118 -5.44 21.01 -6.63
N LEU E 119 -5.39 20.45 -5.42
CA LEU E 119 -4.87 19.08 -5.23
C LEU E 119 -5.83 18.07 -4.63
N GLN E 120 -6.79 18.54 -3.84
CA GLN E 120 -7.85 17.65 -3.38
C GLN E 120 -8.98 17.63 -4.41
N MSE F 4 -24.44 -2.83 -18.15
CA MSE F 4 -25.07 -1.97 -17.15
C MSE F 4 -26.55 -1.70 -17.41
O MSE F 4 -26.92 -0.60 -17.81
CB MSE F 4 -24.30 -0.65 -17.01
CG MSE F 4 -23.15 -0.69 -16.02
SE MSE F 4 -23.51 0.27 -14.35
CE MSE F 4 -25.05 -0.74 -13.73
N THR F 5 -27.39 -2.71 -17.17
CA THR F 5 -28.84 -2.54 -17.15
C THR F 5 -29.15 -1.29 -16.34
N GLN F 6 -30.06 -0.47 -16.84
CA GLN F 6 -30.35 0.81 -16.18
C GLN F 6 -31.03 0.61 -14.82
N GLU F 7 -31.56 -0.59 -14.57
CA GLU F 7 -32.09 -0.93 -13.25
C GLU F 7 -30.97 -1.03 -12.23
N THR F 8 -29.83 -1.54 -12.67
CA THR F 8 -28.69 -1.70 -11.77
C THR F 8 -27.86 -0.42 -11.66
N ALA F 9 -27.85 0.42 -12.69
CA ALA F 9 -27.19 1.71 -12.58
C ALA F 9 -27.97 2.60 -11.62
N LEU F 10 -29.30 2.57 -11.74
CA LEU F 10 -30.19 3.27 -10.81
C LEU F 10 -29.97 2.77 -9.38
N GLY F 11 -30.05 1.46 -9.19
CA GLY F 11 -29.80 0.85 -7.90
C GLY F 11 -28.46 1.30 -7.32
N ALA F 12 -27.45 1.43 -8.18
CA ALA F 12 -26.14 1.86 -7.72
C ALA F 12 -26.18 3.32 -7.28
N ALA F 13 -26.93 4.15 -7.98
CA ALA F 13 -26.99 5.57 -7.67
C ALA F 13 -27.76 5.82 -6.39
N LEU F 14 -28.82 5.04 -6.18
CA LEU F 14 -29.64 5.18 -4.98
C LEU F 14 -28.88 4.69 -3.75
N LYS F 15 -28.16 3.57 -3.90
CA LYS F 15 -27.33 3.05 -2.84
C LYS F 15 -26.40 4.14 -2.38
N SER F 16 -25.68 4.72 -3.33
CA SER F 16 -24.74 5.78 -3.00
C SER F 16 -25.42 7.01 -2.38
N ALA F 17 -26.65 7.32 -2.79
CA ALA F 17 -27.32 8.50 -2.22
C ALA F 17 -27.76 8.28 -0.77
N VAL F 18 -28.34 7.11 -0.51
CA VAL F 18 -28.81 6.75 0.82
C VAL F 18 -27.63 6.54 1.78
N GLN F 19 -26.51 6.07 1.26
CA GLN F 19 -25.31 5.90 2.09
C GLN F 19 -24.76 7.27 2.52
N THR F 20 -24.61 8.14 1.55
CA THR F 20 -24.17 9.52 1.81
C THR F 20 -25.06 10.22 2.84
N MSE F 21 -26.37 9.99 2.80
CA MSE F 21 -27.23 10.67 3.76
C MSE F 21 -27.13 10.06 5.16
O MSE F 21 -27.25 10.75 6.17
CB MSE F 21 -28.67 10.89 3.27
CG MSE F 21 -29.64 9.75 3.35
SE MSE F 21 -31.35 10.29 2.48
CE MSE F 21 -32.37 10.56 4.10
N SER F 22 -26.87 8.75 5.20
CA SER F 22 -26.60 8.05 6.44
C SER F 22 -25.33 8.56 7.17
N LYS F 23 -24.24 8.70 6.43
CA LYS F 23 -22.96 9.18 7.00
C LYS F 23 -23.00 10.66 7.39
N LYS F 24 -23.61 11.48 6.54
CA LYS F 24 -23.81 12.88 6.87
C LYS F 24 -24.56 12.99 8.19
N LYS F 25 -25.63 12.22 8.36
CA LYS F 25 -26.38 12.29 9.60
C LYS F 25 -25.53 11.82 10.80
N GLN F 26 -24.79 10.74 10.64
CA GLN F 26 -24.02 10.28 11.80
C GLN F 26 -22.85 11.23 12.09
N THR F 27 -22.26 11.81 11.05
CA THR F 27 -21.24 12.86 11.25
C THR F 27 -21.78 14.02 12.09
N GLU F 28 -22.97 14.51 11.76
CA GLU F 28 -23.55 15.61 12.53
C GLU F 28 -23.84 15.21 13.95
N MSE F 29 -24.26 13.96 14.14
CA MSE F 29 -24.55 13.49 15.48
C MSE F 29 -23.25 13.40 16.31
O MSE F 29 -23.24 13.75 17.47
CB MSE F 29 -25.27 12.13 15.48
CG MSE F 29 -26.63 12.13 14.76
SE MSE F 29 -27.39 10.31 14.57
CE MSE F 29 -28.15 10.13 16.35
N ILE F 30 -22.17 12.95 15.68
CA ILE F 30 -20.88 12.89 16.36
C ILE F 30 -20.36 14.28 16.72
N ALA F 31 -20.46 15.22 15.78
CA ALA F 31 -20.03 16.58 16.03
C ALA F 31 -20.82 17.21 17.19
N ASP F 32 -22.15 17.14 17.12
CA ASP F 32 -23.01 17.60 18.20
C ASP F 32 -22.60 17.04 19.56
N HIS F 33 -22.25 15.76 19.59
CA HIS F 33 -21.88 15.11 20.85
C HIS F 33 -20.51 15.58 21.37
N ILE F 34 -19.53 15.71 20.48
CA ILE F 34 -18.19 16.12 20.87
C ILE F 34 -18.18 17.57 21.33
N TYR F 35 -18.85 18.45 20.60
CA TYR F 35 -18.89 19.85 20.98
C TYR F 35 -19.68 20.07 22.28
N GLY F 36 -20.54 19.12 22.61
CA GLY F 36 -21.34 19.23 23.80
C GLY F 36 -20.63 18.69 25.03
N LYS F 37 -19.75 17.73 24.82
CA LYS F 37 -19.10 17.03 25.93
C LYS F 37 -17.70 17.59 26.27
N TYR F 38 -16.89 17.88 25.25
CA TYR F 38 -15.48 18.19 25.47
C TYR F 38 -15.15 19.68 25.34
N ASP F 39 -14.71 20.27 26.44
CA ASP F 39 -14.32 21.68 26.45
C ASP F 39 -13.21 22.05 25.47
N VAL F 40 -12.27 21.15 25.24
CA VAL F 40 -11.13 21.49 24.39
C VAL F 40 -11.58 21.70 22.94
N PHE F 41 -12.72 21.11 22.56
CA PHE F 41 -13.27 21.32 21.22
C PHE F 41 -14.07 22.59 21.20
N LYS F 42 -14.91 22.74 22.21
CA LYS F 42 -15.80 23.89 22.33
C LYS F 42 -15.05 25.22 22.41
N ARG F 43 -13.83 25.17 22.95
CA ARG F 43 -13.00 26.38 23.12
C ARG F 43 -11.83 26.49 22.14
N PHE F 44 -11.74 25.56 21.19
CA PHE F 44 -10.78 25.67 20.10
C PHE F 44 -9.33 25.78 20.53
N LYS F 45 -8.95 24.93 21.48
CA LYS F 45 -7.57 24.81 21.91
C LYS F 45 -6.88 23.81 21.00
N PRO F 46 -5.59 24.03 20.74
CA PRO F 46 -4.84 23.08 19.92
C PRO F 46 -4.92 21.71 20.58
N LEU F 47 -5.23 20.68 19.80
CA LEU F 47 -5.46 19.34 20.33
C LEU F 47 -4.20 18.48 20.24
N ALA F 48 -4.01 17.62 21.24
CA ALA F 48 -2.95 16.59 21.23
C ALA F 48 -2.85 15.91 19.87
N LEU F 49 -1.63 15.58 19.45
CA LEU F 49 -1.49 14.76 18.26
C LEU F 49 -2.04 13.39 18.62
N GLY F 50 -2.77 12.78 17.70
CA GLY F 50 -3.34 11.47 18.00
C GLY F 50 -4.59 11.52 18.86
N ILE F 51 -5.21 12.70 18.98
CA ILE F 51 -6.46 12.78 19.72
C ILE F 51 -7.56 11.95 19.03
N ASP F 52 -7.38 11.66 17.75
CA ASP F 52 -8.32 10.80 17.04
C ASP F 52 -8.49 9.47 17.77
N GLN F 53 -7.39 8.76 17.98
CA GLN F 53 -7.37 7.54 18.80
C GLN F 53 -8.06 7.72 20.17
N ASP F 54 -7.78 8.82 20.84
CA ASP F 54 -8.42 9.09 22.13
C ASP F 54 -9.92 9.18 21.94
N LEU F 55 -10.33 9.87 20.87
CA LEU F 55 -11.73 10.06 20.56
C LEU F 55 -12.40 8.70 20.28
N ILE F 56 -11.71 7.88 19.49
CA ILE F 56 -12.24 6.57 19.11
C ILE F 56 -12.45 5.68 20.32
N ALA F 57 -11.51 5.77 21.26
CA ALA F 57 -11.56 4.94 22.44
C ALA F 57 -12.69 5.37 23.36
N ALA F 58 -12.88 6.69 23.48
CA ALA F 58 -13.87 7.22 24.42
C ALA F 58 -15.28 7.13 23.87
N LEU F 59 -15.39 7.00 22.55
CA LEU F 59 -16.70 7.01 21.89
C LEU F 59 -16.96 5.72 21.09
N PRO F 60 -17.05 4.58 21.77
CA PRO F 60 -17.24 3.35 21.00
C PRO F 60 -18.61 3.30 20.32
N GLN F 61 -19.54 4.15 20.75
CA GLN F 61 -20.89 4.09 20.21
C GLN F 61 -20.99 4.68 18.80
N TYR F 62 -19.91 5.27 18.33
CA TYR F 62 -19.90 5.90 17.00
C TYR F 62 -18.87 5.28 16.08
N ASP F 63 -19.15 5.35 14.79
CA ASP F 63 -18.23 4.90 13.74
C ASP F 63 -16.88 5.62 13.76
N ALA F 64 -15.79 4.86 13.77
CA ALA F 64 -14.46 5.44 13.89
C ALA F 64 -14.08 6.31 12.70
N ALA F 65 -14.46 5.88 11.50
CA ALA F 65 -14.09 6.61 10.29
C ALA F 65 -14.74 8.00 10.27
N LEU F 66 -15.92 8.14 10.89
CA LEU F 66 -16.66 9.40 10.87
C LEU F 66 -16.25 10.29 12.04
N ILE F 67 -15.80 9.70 13.13
CA ILE F 67 -15.11 10.45 14.17
C ILE F 67 -13.91 11.19 13.55
N ALA F 68 -13.13 10.50 12.74
CA ALA F 68 -11.98 11.13 12.08
C ALA F 68 -12.44 12.25 11.16
N ARG F 69 -13.58 12.06 10.50
CA ARG F 69 -14.11 13.08 9.60
C ARG F 69 -14.50 14.32 10.41
N VAL F 70 -15.13 14.10 11.56
CA VAL F 70 -15.56 15.20 12.41
C VAL F 70 -14.36 15.98 12.90
N LEU F 71 -13.28 15.27 13.23
CA LEU F 71 -12.05 15.89 13.71
C LEU F 71 -11.37 16.71 12.60
N ALA F 72 -11.24 16.11 11.41
CA ALA F 72 -10.71 16.83 10.24
C ALA F 72 -11.52 18.09 9.92
N ASN F 73 -12.84 18.02 10.03
CA ASN F 73 -13.69 19.20 9.81
C ASN F 73 -13.39 20.29 10.86
N HIS F 74 -13.40 19.92 12.13
CA HIS F 74 -13.05 20.84 13.22
C HIS F 74 -11.71 21.55 13.00
N CYS F 75 -10.69 20.81 12.57
CA CYS F 75 -9.35 21.36 12.46
C CYS F 75 -9.19 22.25 11.25
N ARG F 76 -10.18 22.23 10.36
CA ARG F 76 -10.14 23.04 9.14
C ARG F 76 -10.86 24.38 9.37
N ARG F 77 -11.57 24.50 10.47
CA ARG F 77 -12.25 25.74 10.83
C ARG F 77 -11.29 26.89 11.16
N PRO F 78 -11.64 28.11 10.71
CA PRO F 78 -10.89 29.33 10.98
C PRO F 78 -10.49 29.49 12.46
N ARG F 79 -11.43 29.30 13.40
CA ARG F 79 -11.11 29.41 14.82
C ARG F 79 -9.95 28.50 15.19
N TYR F 80 -9.91 27.32 14.58
CA TYR F 80 -8.87 26.34 14.91
C TYR F 80 -7.54 26.73 14.30
N LEU F 81 -7.55 27.16 13.03
CA LEU F 81 -6.32 27.69 12.44
C LEU F 81 -5.73 28.87 13.25
N LYS F 82 -6.58 29.75 13.77
CA LYS F 82 -6.05 30.89 14.52
C LYS F 82 -5.42 30.40 15.83
N ALA F 83 -6.02 29.35 16.40
CA ALA F 83 -5.53 28.72 17.62
C ALA F 83 -4.15 28.12 17.38
N LEU F 84 -3.95 27.50 16.22
CA LEU F 84 -2.66 26.91 15.87
C LEU F 84 -1.65 28.01 15.68
N ALA F 85 -2.09 29.12 15.12
CA ALA F 85 -1.18 30.22 14.82
C ALA F 85 -0.71 30.86 16.12
N ARG F 86 -1.59 30.83 17.12
CA ARG F 86 -1.31 31.40 18.43
C ARG F 86 -0.29 30.53 19.17
N GLY F 87 -0.35 29.23 18.93
CA GLY F 87 0.66 28.31 19.39
C GLY F 87 0.51 27.92 20.85
N GLY F 88 1.60 27.48 21.45
CA GLY F 88 1.59 27.07 22.84
C GLY F 88 1.35 25.58 23.02
N LYS F 89 0.82 25.21 24.18
CA LYS F 89 0.54 23.79 24.49
C LYS F 89 -0.63 23.21 23.70
N ARG F 90 -0.53 21.93 23.36
CA ARG F 90 -1.69 21.17 22.91
C ARG F 90 -2.36 20.51 24.12
N PHE F 91 -3.59 20.04 23.94
CA PHE F 91 -4.39 19.58 25.05
C PHE F 91 -5.08 18.26 24.70
N ASP F 92 -5.22 17.37 25.69
CA ASP F 92 -6.00 16.15 25.47
C ASP F 92 -7.47 16.36 25.82
N LEU F 93 -8.26 15.30 25.72
CA LEU F 93 -9.69 15.35 26.02
C LEU F 93 -10.02 15.81 27.43
N ASN F 94 -9.10 15.64 28.38
CA ASN F 94 -9.35 16.05 29.76
C ASN F 94 -8.86 17.47 30.01
N ASN F 95 -8.53 18.17 28.93
CA ASN F 95 -8.08 19.55 29.01
C ASN F 95 -6.76 19.68 29.80
N ARG F 96 -5.88 18.69 29.58
CA ARG F 96 -4.57 18.66 30.22
C ARG F 96 -3.49 18.79 29.17
N PHE F 97 -2.36 19.39 29.55
CA PHE F 97 -1.26 19.58 28.61
C PHE F 97 -0.84 18.25 28.05
N LYS F 98 -0.57 18.23 26.75
CA LYS F 98 -0.01 17.05 26.09
C LYS F 98 0.65 17.46 24.78
N GLY F 99 1.92 17.82 24.87
CA GLY F 99 2.67 18.23 23.71
C GLY F 99 2.36 19.67 23.44
N GLU F 100 2.72 20.15 22.25
CA GLU F 100 2.59 21.55 21.96
C GLU F 100 2.52 21.77 20.45
N VAL F 101 2.16 22.99 20.05
CA VAL F 101 2.23 23.36 18.64
C VAL F 101 3.70 23.68 18.32
N THR F 102 4.33 22.88 17.48
CA THR F 102 5.73 23.14 17.17
C THR F 102 5.87 24.42 16.37
N PRO F 103 7.10 24.96 16.29
CA PRO F 103 7.30 26.16 15.48
C PRO F 103 6.95 25.97 13.99
N GLU F 104 7.24 24.81 13.41
CA GLU F 104 6.88 24.59 12.02
C GLU F 104 5.34 24.50 11.82
N GLU F 105 4.64 23.81 12.71
CA GLU F 105 3.18 23.74 12.66
C GLU F 105 2.61 25.15 12.76
N GLN F 106 3.14 25.94 13.70
CA GLN F 106 2.67 27.30 13.92
C GLN F 106 2.90 28.18 12.70
N ALA F 107 4.07 28.02 12.09
CA ALA F 107 4.39 28.78 10.89
C ALA F 107 3.45 28.44 9.73
N ILE F 108 3.10 27.18 9.56
CA ILE F 108 2.25 26.80 8.44
C ILE F 108 0.89 27.48 8.65
N ALA F 109 0.41 27.43 9.89
CA ALA F 109 -0.91 27.96 10.21
C ALA F 109 -0.98 29.48 10.03
N GLN F 110 0.10 30.17 10.36
CA GLN F 110 0.13 31.62 10.23
C GLN F 110 0.13 32.04 8.79
N ASN F 111 0.51 31.13 7.89
CA ASN F 111 0.45 31.44 6.45
C ASN F 111 -0.96 31.32 5.86
N HIS F 112 -1.89 30.78 6.65
CA HIS F 112 -3.25 30.59 6.20
C HIS F 112 -3.97 31.94 6.10
N PRO F 113 -4.68 32.19 4.99
CA PRO F 113 -5.30 33.50 4.76
C PRO F 113 -6.20 33.99 5.91
N PHE F 114 -6.98 33.11 6.52
CA PHE F 114 -7.86 33.49 7.63
C PHE F 114 -7.07 34.13 8.80
N VAL F 115 -5.83 33.70 8.97
CA VAL F 115 -5.01 34.16 10.08
C VAL F 115 -4.31 35.48 9.77
N GLN F 116 -4.00 35.70 8.49
CA GLN F 116 -3.38 36.96 8.08
C GLN F 116 -4.24 38.15 8.47
N GLN F 117 -5.41 38.24 7.84
CA GLN F 117 -6.33 39.34 8.09
C GLN F 117 -6.60 39.56 9.58
N ALA F 118 -6.69 38.48 10.35
CA ALA F 118 -7.15 38.54 11.73
C ALA F 118 -6.11 38.99 12.76
N LEU F 119 -4.85 38.56 12.58
CA LEU F 119 -3.76 38.88 13.50
C LEU F 119 -2.38 38.51 12.94
C1 GOL G . 22.22 -16.18 11.80
O1 GOL G . 21.75 -15.30 10.77
C2 GOL G . 23.25 -15.42 12.61
O2 GOL G . 22.59 -14.48 13.42
C3 GOL G . 24.09 -16.34 13.50
O3 GOL G . 25.27 -15.65 13.87
#